data_4M8R
#
_entry.id   4M8R
#
_cell.length_a   123.084
_cell.length_b   123.084
_cell.length_c   269.910
_cell.angle_alpha   90.000
_cell.angle_beta   90.000
_cell.angle_gamma   120.000
#
_symmetry.space_group_name_H-M   'P 61 2 2'
#
loop_
_entity.id
_entity.type
_entity.pdbx_description
1 polymer 'hypothetical protein'
2 non-polymer 'PHOSPHATE ION'
3 non-polymer 1,2-ETHANEDIOL
4 non-polymer 'CHLORIDE ION'
5 water water
#
_entity_poly.entity_id   1
_entity_poly.type   'polypeptide(L)'
_entity_poly.pdbx_seq_one_letter_code
;GDEKDGPSKKILVTNAGVTEANQTVKPGDIVHIYGDGFQEGDQVDFDFRWDLGEPLFPEGYLGPVGAEIVERHSNG
(MSE)SIR(MSE)PYRKPESRVEIFLNRASER(MSE)SLGKVLLADGQTPKDFRLYGINETDKTIERAYAEETVTGKKTW
D(MSE)SAHPDFRSVVNLQKTYGLCGLAEENGVQQPFFLDFCTGEWKALSFYDYNTLALVIGSGNDIAAIQQRGKGYSLY
NVSAGLEQSNYATKTRSNFP(MSE)PEPQFELPEGFTPEQFGDYPGVF(MSE)QGNEIILLSARKGNGKWVP(MSE)LYN
YRNGFYVLEGIEADAIIPFYFG(MSE)ALPDSGSPSLLYQKKVGY(MSE)IYYSSGDNRGSSFRLLEPDKESSKLQLQEP
FAQLSDKKVVSITNRLDRIGTITVLFSDKEKGRTTSDFDWNSKEWTDYTDLSD(MSE)PYNSVVWAN
;
_entity_poly.pdbx_strand_id   A,B
#
# COMPACT_ATOMS: atom_id res chain seq x y z
N LYS A 10 49.92 -5.95 -9.21
CA LYS A 10 49.43 -5.99 -7.79
C LYS A 10 48.25 -6.95 -7.63
N ILE A 11 48.56 -8.23 -7.47
CA ILE A 11 47.59 -9.25 -7.06
C ILE A 11 47.49 -9.17 -5.54
N LEU A 12 46.28 -8.96 -5.02
CA LEU A 12 46.11 -8.71 -3.58
C LEU A 12 46.35 -9.97 -2.74
N VAL A 13 45.77 -11.08 -3.16
CA VAL A 13 45.87 -12.34 -2.41
C VAL A 13 45.97 -13.50 -3.38
N THR A 14 46.70 -14.53 -2.97
CA THR A 14 46.94 -15.70 -3.80
C THR A 14 46.17 -16.90 -3.24
N ASN A 15 45.94 -17.90 -4.10
CA ASN A 15 45.19 -19.10 -3.73
C ASN A 15 43.88 -18.77 -3.03
N ALA A 16 43.20 -17.74 -3.54
CA ALA A 16 42.03 -17.20 -2.88
C ALA A 16 40.74 -17.64 -3.52
N GLY A 17 39.64 -17.45 -2.79
CA GLY A 17 38.32 -17.78 -3.30
C GLY A 17 37.25 -17.63 -2.24
N VAL A 18 36.05 -18.09 -2.57
CA VAL A 18 34.93 -18.10 -1.65
C VAL A 18 34.54 -19.55 -1.45
N THR A 19 34.46 -19.98 -0.20
CA THR A 19 34.12 -21.37 0.11
C THR A 19 32.80 -21.75 -0.54
N GLU A 20 31.82 -20.88 -0.44
CA GLU A 20 30.48 -21.16 -0.97
C GLU A 20 30.31 -20.68 -2.42
N ALA A 21 31.42 -20.61 -3.16
CA ALA A 21 31.39 -20.10 -4.54
C ALA A 21 30.38 -20.85 -5.41
N ASN A 22 29.60 -20.09 -6.17
CA ASN A 22 28.62 -20.63 -7.11
C ASN A 22 27.47 -21.42 -6.47
N GLN A 23 27.28 -21.26 -5.16
CA GLN A 23 26.20 -21.93 -4.47
C GLN A 23 25.13 -20.91 -4.11
N THR A 24 23.98 -21.41 -3.68
CA THR A 24 22.91 -20.56 -3.19
C THR A 24 23.08 -20.37 -1.69
N VAL A 25 23.06 -19.13 -1.24
CA VAL A 25 23.18 -18.81 0.17
C VAL A 25 22.01 -17.94 0.60
N LYS A 26 21.74 -17.87 1.90
CA LYS A 26 20.59 -17.12 2.41
C LYS A 26 21.03 -15.83 3.11
N PRO A 27 20.19 -14.79 3.03
CA PRO A 27 20.41 -13.62 3.86
C PRO A 27 20.59 -14.00 5.32
N GLY A 28 21.62 -13.46 5.97
CA GLY A 28 21.93 -13.81 7.36
C GLY A 28 23.00 -14.88 7.51
N ASP A 29 23.25 -15.66 6.45
CA ASP A 29 24.28 -16.70 6.45
C ASP A 29 25.67 -16.10 6.52
N ILE A 30 26.61 -16.90 7.01
CA ILE A 30 28.02 -16.57 6.98
C ILE A 30 28.66 -17.18 5.74
N VAL A 31 29.33 -16.35 4.95
CA VAL A 31 30.12 -16.81 3.81
C VAL A 31 31.60 -16.67 4.14
N HIS A 32 32.39 -17.65 3.72
CA HIS A 32 33.81 -17.71 4.06
C HIS A 32 34.69 -17.40 2.88
N ILE A 33 35.71 -16.59 3.14
CA ILE A 33 36.69 -16.20 2.14
C ILE A 33 38.05 -16.72 2.59
N TYR A 34 38.81 -17.26 1.65
CA TYR A 34 40.13 -17.80 1.96
C TYR A 34 41.18 -17.25 1.00
N GLY A 35 42.45 -17.41 1.38
CA GLY A 35 43.58 -16.95 0.57
C GLY A 35 44.78 -16.60 1.43
N ASP A 36 45.91 -16.31 0.78
CA ASP A 36 47.14 -15.91 1.46
C ASP A 36 47.42 -14.45 1.16
N GLY A 37 47.72 -13.67 2.19
CA GLY A 37 48.13 -12.27 2.02
C GLY A 37 47.12 -11.21 2.42
N PHE A 38 46.10 -11.58 3.19
CA PHE A 38 45.16 -10.59 3.72
C PHE A 38 45.88 -9.65 4.69
N GLN A 39 45.33 -8.44 4.83
CA GLN A 39 45.95 -7.40 5.65
C GLN A 39 44.93 -6.70 6.52
N GLU A 40 45.40 -6.15 7.64
CA GLU A 40 44.55 -5.34 8.52
C GLU A 40 43.99 -4.20 7.72
N GLY A 41 42.66 -4.04 7.78
CA GLY A 41 42.01 -2.95 7.07
C GLY A 41 41.43 -3.33 5.73
N ASP A 42 41.75 -4.53 5.23
CA ASP A 42 41.10 -5.05 4.03
C ASP A 42 39.60 -5.06 4.25
N GLN A 43 38.86 -4.61 3.25
CA GLN A 43 37.40 -4.62 3.30
C GLN A 43 36.86 -5.53 2.21
N VAL A 44 35.57 -5.79 2.26
CA VAL A 44 34.92 -6.65 1.28
C VAL A 44 33.69 -5.95 0.75
N ASP A 45 33.56 -5.93 -0.58
CA ASP A 45 32.45 -5.28 -1.28
C ASP A 45 31.60 -6.29 -2.03
N PHE A 46 30.30 -5.99 -2.11
CA PHE A 46 29.36 -6.76 -2.90
C PHE A 46 28.91 -5.96 -4.11
N ASP A 47 28.72 -6.63 -5.24
CA ASP A 47 27.97 -6.09 -6.36
C ASP A 47 26.78 -7.03 -6.61
N PHE A 48 25.58 -6.48 -6.72
CA PHE A 48 24.35 -7.25 -6.90
C PHE A 48 23.79 -7.07 -8.31
N ARG A 49 23.29 -8.16 -8.88
CA ARG A 49 22.56 -8.12 -10.15
C ARG A 49 21.29 -8.96 -10.01
N TRP A 50 20.14 -8.38 -10.33
CA TRP A 50 18.88 -9.11 -10.19
C TRP A 50 17.87 -8.86 -11.32
N ASP A 51 16.98 -9.83 -11.50
CA ASP A 51 15.85 -9.73 -12.43
C ASP A 51 14.57 -10.04 -11.68
N LEU A 52 13.71 -9.04 -11.47
CA LEU A 52 12.49 -9.24 -10.68
C LEU A 52 11.50 -10.19 -11.35
N GLY A 53 11.25 -9.99 -12.63
CA GLY A 53 10.36 -10.86 -13.39
C GLY A 53 11.17 -11.70 -14.35
N GLU A 54 10.90 -11.55 -15.64
CA GLU A 54 11.75 -12.15 -16.66
C GLU A 54 12.94 -11.21 -16.92
N PRO A 55 14.08 -11.76 -17.36
CA PRO A 55 15.23 -10.89 -17.64
C PRO A 55 15.00 -9.93 -18.80
N LEU A 56 15.34 -8.67 -18.58
CA LEU A 56 15.34 -7.66 -19.63
C LEU A 56 16.50 -6.72 -19.36
N PHE A 57 17.00 -6.06 -20.40
CA PHE A 57 17.97 -4.99 -20.22
C PHE A 57 17.24 -3.65 -20.15
N PRO A 58 17.55 -2.82 -19.13
CA PRO A 58 18.49 -3.04 -18.04
C PRO A 58 17.93 -3.92 -16.93
N GLU A 59 18.81 -4.64 -16.26
CA GLU A 59 18.45 -5.40 -15.07
C GLU A 59 18.46 -4.47 -13.86
N GLY A 60 18.38 -5.04 -12.66
CA GLY A 60 18.59 -4.29 -11.43
C GLY A 60 20.02 -4.46 -10.96
N TYR A 61 20.65 -3.36 -10.54
CA TYR A 61 22.06 -3.35 -10.15
C TYR A 61 22.27 -2.61 -8.85
N LEU A 62 23.27 -3.05 -8.10
CA LEU A 62 23.66 -2.35 -6.88
C LEU A 62 25.12 -2.68 -6.59
N GLY A 63 25.88 -1.69 -6.15
CA GLY A 63 27.29 -1.88 -5.86
C GLY A 63 28.10 -0.61 -5.97
N PRO A 64 29.17 -0.46 -5.15
CA PRO A 64 29.64 -1.41 -4.14
C PRO A 64 28.89 -1.26 -2.82
N VAL A 65 28.58 -2.37 -2.20
CA VAL A 65 27.91 -2.36 -0.91
C VAL A 65 28.87 -3.10 0.01
N GLY A 66 29.33 -2.40 1.05
CA GLY A 66 30.27 -2.98 1.99
C GLY A 66 29.65 -4.18 2.68
N ALA A 67 30.45 -5.24 2.81
CA ALA A 67 30.03 -6.43 3.52
C ALA A 67 30.42 -6.31 4.98
N GLU A 68 29.54 -6.76 5.87
CA GLU A 68 29.89 -6.86 7.28
C GLU A 68 30.88 -8.02 7.47
N ILE A 69 32.03 -7.72 8.06
CA ILE A 69 33.04 -8.73 8.33
C ILE A 69 32.90 -9.23 9.75
N VAL A 70 32.67 -10.53 9.92
CA VAL A 70 32.40 -11.13 11.23
C VAL A 70 33.69 -11.65 11.89
N GLU A 71 34.50 -12.36 11.13
CA GLU A 71 35.77 -12.91 11.61
C GLU A 71 36.87 -12.51 10.64
N ARG A 72 38.08 -12.40 11.15
CA ARG A 72 39.20 -11.90 10.35
C ARG A 72 40.50 -12.57 10.78
N HIS A 73 41.20 -13.17 9.81
CA HIS A 73 42.56 -13.70 10.02
C HIS A 73 43.42 -13.37 8.79
N SER A 74 44.67 -13.80 8.82
CA SER A 74 45.60 -13.60 7.71
C SER A 74 45.36 -14.59 6.57
N ASN A 75 44.69 -15.71 6.88
CA ASN A 75 44.39 -16.74 5.87
CA ASN A 75 44.40 -16.74 5.88
C ASN A 75 42.97 -16.67 5.33
N GLY A 76 42.15 -15.76 5.86
CA GLY A 76 40.78 -15.58 5.38
C GLY A 76 39.87 -14.80 6.30
N SER A 78 35.39 -14.17 7.50
CA SER A 78 33.97 -14.51 7.46
C SER A 78 33.14 -13.25 7.25
N ILE A 79 32.20 -13.28 6.32
CA ILE A 79 31.31 -12.15 6.07
C ILE A 79 29.87 -12.57 6.18
N ARG A 80 28.99 -11.62 6.49
CA ARG A 80 27.56 -11.89 6.63
C ARG A 80 26.84 -11.44 5.37
N PRO A 82 23.73 -9.95 3.41
CA PRO A 82 22.71 -9.00 3.83
C PRO A 82 21.26 -9.34 3.47
N TYR A 83 20.34 -8.79 4.25
CA TYR A 83 18.92 -8.79 3.94
C TYR A 83 18.58 -7.60 3.05
N ARG A 84 17.32 -7.54 2.63
CA ARG A 84 16.73 -6.37 1.95
C ARG A 84 17.07 -6.20 0.47
N LYS A 85 17.72 -7.20 -0.13
CA LYS A 85 17.87 -7.21 -1.58
C LYS A 85 17.00 -8.32 -2.15
N PRO A 86 16.61 -8.20 -3.43
CA PRO A 86 15.97 -9.33 -4.11
C PRO A 86 16.95 -10.45 -4.37
N GLU A 87 16.44 -11.59 -4.85
CA GLU A 87 17.31 -12.69 -5.25
C GLU A 87 18.32 -12.17 -6.26
N SER A 88 19.60 -12.35 -5.97
CA SER A 88 20.66 -11.69 -6.72
C SER A 88 21.85 -12.57 -6.98
N ARG A 89 22.45 -12.38 -8.14
CA ARG A 89 23.83 -12.79 -8.39
C ARG A 89 24.71 -11.78 -7.65
N VAL A 90 25.49 -12.27 -6.69
CA VAL A 90 26.35 -11.41 -5.89
C VAL A 90 27.81 -11.73 -6.18
N GLU A 91 28.56 -10.73 -6.63
CA GLU A 91 29.99 -10.88 -6.80
C GLU A 91 30.70 -10.25 -5.61
N ILE A 92 31.66 -10.98 -5.07
CA ILE A 92 32.33 -10.61 -3.82
C ILE A 92 33.76 -10.17 -4.14
N PHE A 93 34.10 -8.94 -3.72
CA PHE A 93 35.39 -8.34 -4.02
C PHE A 93 36.20 -8.06 -2.75
N LEU A 94 37.49 -8.35 -2.81
CA LEU A 94 38.40 -7.89 -1.77
C LEU A 94 38.79 -6.44 -2.10
N ASN A 95 38.66 -5.55 -1.12
CA ASN A 95 38.94 -4.13 -1.30
C ASN A 95 40.10 -3.71 -0.41
N ARG A 96 41.26 -3.47 -1.02
CA ARG A 96 42.43 -2.96 -0.30
C ARG A 96 42.71 -1.52 -0.73
N ALA A 97 42.18 -0.57 0.03
CA ALA A 97 42.29 0.86 -0.28
C ALA A 97 41.66 1.16 -1.66
N SER A 98 42.46 1.59 -2.61
CA SER A 98 42.01 1.73 -4.00
C SER A 98 41.55 0.38 -4.60
N GLU A 99 42.45 -0.61 -4.59
CA GLU A 99 42.35 -1.81 -5.42
C GLU A 99 41.17 -2.72 -5.08
N ARG A 100 40.63 -3.39 -6.10
CA ARG A 100 39.63 -4.45 -5.93
C ARG A 100 40.03 -5.72 -6.67
N SER A 102 38.29 -9.65 -7.54
CA SER A 102 37.13 -10.55 -7.46
C SER A 102 37.53 -11.85 -6.80
N LEU A 103 36.78 -12.26 -5.78
CA LEU A 103 37.05 -13.50 -5.08
C LEU A 103 36.13 -14.62 -5.55
N GLY A 104 34.91 -14.26 -5.92
CA GLY A 104 33.94 -15.24 -6.40
C GLY A 104 32.53 -14.72 -6.42
N LYS A 105 31.59 -15.60 -6.77
CA LYS A 105 30.19 -15.25 -6.89
C LYS A 105 29.31 -16.21 -6.14
N VAL A 106 28.19 -15.71 -5.65
CA VAL A 106 27.17 -16.55 -5.03
C VAL A 106 25.81 -16.11 -5.49
N LEU A 107 24.83 -17.00 -5.36
CA LEU A 107 23.44 -16.65 -5.61
C LEU A 107 22.80 -16.44 -4.24
N LEU A 108 22.32 -15.23 -4.01
CA LEU A 108 21.73 -14.86 -2.72
C LEU A 108 20.22 -14.90 -2.82
N ALA A 109 19.59 -15.71 -1.98
CA ALA A 109 18.14 -15.85 -1.99
C ALA A 109 17.48 -14.54 -1.59
N ASP A 110 16.22 -14.36 -1.97
CA ASP A 110 15.49 -13.13 -1.71
C ASP A 110 15.54 -12.75 -0.24
N GLY A 111 15.87 -11.49 0.04
CA GLY A 111 15.88 -10.98 1.41
C GLY A 111 14.95 -9.79 1.62
N GLN A 112 13.99 -9.62 0.71
CA GLN A 112 13.09 -8.47 0.80
C GLN A 112 12.15 -8.64 1.97
N THR A 113 11.95 -7.56 2.72
CA THR A 113 11.11 -7.59 3.92
C THR A 113 9.63 -7.35 3.58
N PRO A 114 8.72 -8.01 4.29
CA PRO A 114 7.29 -7.86 3.99
C PRO A 114 6.83 -6.41 4.20
N LYS A 115 5.98 -5.91 3.31
CA LYS A 115 5.58 -4.51 3.33
C LYS A 115 4.25 -4.23 4.04
N ASP A 116 3.52 -5.28 4.42
CA ASP A 116 2.26 -5.10 5.15
C ASP A 116 2.52 -4.58 6.56
N PHE A 117 1.68 -3.63 7.00
CA PHE A 117 1.82 -3.05 8.32
C PHE A 117 1.38 -4.01 9.41
N ARG A 118 2.18 -4.09 10.46
CA ARG A 118 1.95 -5.00 11.58
C ARG A 118 2.07 -4.25 12.89
N LEU A 119 1.30 -4.66 13.89
CA LEU A 119 1.28 -3.98 15.18
C LEU A 119 2.15 -4.74 16.18
N TYR A 120 3.03 -3.99 16.85
CA TYR A 120 3.98 -4.57 17.82
C TYR A 120 3.80 -3.92 19.18
N GLY A 121 3.86 -4.73 20.23
CA GLY A 121 3.74 -4.23 21.61
C GLY A 121 5.04 -4.42 22.40
N ILE A 122 5.30 -3.52 23.32
CA ILE A 122 6.45 -3.62 24.22
C ILE A 122 6.03 -4.39 25.48
N ASN A 123 6.62 -5.57 25.68
CA ASN A 123 6.35 -6.36 26.89
C ASN A 123 7.41 -6.08 27.95
N GLU A 124 7.05 -5.26 28.94
CA GLU A 124 7.99 -4.86 29.98
C GLU A 124 8.25 -5.96 31.01
N THR A 125 7.39 -6.97 31.07
CA THR A 125 7.62 -8.11 31.96
C THR A 125 8.78 -8.97 31.46
N ASP A 126 8.68 -9.43 30.21
CA ASP A 126 9.70 -10.30 29.63
C ASP A 126 10.83 -9.52 28.95
N LYS A 127 10.68 -8.19 28.87
CA LYS A 127 11.60 -7.34 28.11
C LYS A 127 11.74 -7.83 26.67
N THR A 128 10.63 -7.74 25.94
CA THR A 128 10.55 -8.23 24.57
C THR A 128 9.62 -7.35 23.73
N ILE A 129 9.93 -7.26 22.44
CA ILE A 129 9.01 -6.71 21.45
C ILE A 129 8.17 -7.87 20.93
N GLU A 130 6.86 -7.74 20.98
CA GLU A 130 5.95 -8.80 20.54
C GLU A 130 5.11 -8.34 19.37
N ARG A 131 4.94 -9.21 18.37
CA ARG A 131 4.01 -8.92 17.28
C ARG A 131 2.59 -9.19 17.77
N ALA A 132 1.81 -8.13 17.92
CA ALA A 132 0.46 -8.23 18.48
C ALA A 132 -0.59 -8.50 17.41
N TYR A 133 -0.38 -7.96 16.22
CA TYR A 133 -1.32 -8.14 15.12
C TYR A 133 -0.62 -8.14 13.77
N ALA A 134 -1.04 -9.07 12.92
CA ALA A 134 -0.70 -9.05 11.50
C ALA A 134 -1.90 -9.63 10.79
N GLU A 135 -2.16 -9.18 9.56
CA GLU A 135 -3.32 -9.68 8.83
C GLU A 135 -3.07 -11.09 8.27
N GLU A 136 -4.15 -11.73 7.83
CA GLU A 136 -4.18 -13.18 7.62
C GLU A 136 -3.05 -13.73 6.74
N THR A 137 -2.77 -15.02 6.94
CA THR A 137 -1.67 -15.75 6.28
C THR A 137 -0.30 -15.26 6.73
N VAL A 138 -0.19 -14.84 7.98
CA VAL A 138 1.09 -14.40 8.52
C VAL A 138 1.47 -15.21 9.77
N THR A 139 2.66 -15.81 9.70
CA THR A 139 3.32 -16.44 10.86
C THR A 139 4.82 -16.63 10.56
N GLY A 140 5.60 -15.56 10.71
CA GLY A 140 7.05 -15.61 10.56
C GLY A 140 7.76 -15.91 11.87
N LYS A 141 8.05 -14.86 12.64
CA LYS A 141 8.70 -14.97 13.95
C LYS A 141 8.13 -13.89 14.89
N LYS A 142 7.62 -14.31 16.05
CA LYS A 142 6.71 -13.47 16.86
C LYS A 142 7.34 -12.51 17.87
N THR A 143 8.52 -12.84 18.38
CA THR A 143 9.12 -12.13 19.52
C THR A 143 10.57 -11.74 19.28
N TRP A 144 10.96 -10.57 19.80
CA TRP A 144 12.35 -10.11 19.74
C TRP A 144 12.85 -9.73 21.14
N ASP A 145 14.07 -10.15 21.46
CA ASP A 145 14.63 -9.93 22.78
C ASP A 145 15.10 -8.49 22.93
N SER A 147 16.54 -7.20 25.79
CA SER A 147 17.29 -7.16 27.06
C SER A 147 18.60 -6.37 26.97
N ALA A 148 19.11 -6.15 25.76
CA ALA A 148 20.29 -5.30 25.57
C ALA A 148 19.95 -3.84 25.87
N HIS A 149 18.70 -3.44 25.57
CA HIS A 149 18.21 -2.09 25.91
C HIS A 149 16.82 -2.22 26.53
N PRO A 150 16.73 -2.69 27.78
CA PRO A 150 15.44 -2.95 28.42
C PRO A 150 14.60 -1.69 28.65
N ASP A 151 15.26 -0.52 28.62
CA ASP A 151 14.59 0.76 28.82
C ASP A 151 14.11 1.40 27.50
N PHE A 152 14.08 0.61 26.42
CA PHE A 152 13.69 1.08 25.10
C PHE A 152 12.38 1.84 25.18
N ARG A 153 12.36 3.04 24.60
CA ARG A 153 11.37 4.05 24.92
C ARG A 153 11.00 4.85 23.67
N SER A 154 9.79 5.40 23.64
CA SER A 154 9.36 6.28 22.56
C SER A 154 9.49 5.59 21.21
N VAL A 155 8.95 4.39 21.14
CA VAL A 155 9.19 3.50 20.02
C VAL A 155 8.35 3.88 18.81
N VAL A 156 9.01 4.00 17.67
CA VAL A 156 8.38 4.41 16.43
C VAL A 156 8.95 3.64 15.26
N ASN A 157 8.31 3.77 14.10
CA ASN A 157 8.76 3.10 12.89
C ASN A 157 8.96 4.09 11.77
N LEU A 158 10.03 3.92 11.01
CA LEU A 158 10.17 4.58 9.73
C LEU A 158 9.73 3.61 8.68
N GLN A 159 8.72 3.97 7.90
CA GLN A 159 8.12 3.03 6.97
C GLN A 159 9.18 2.36 6.08
N LYS A 160 9.00 1.06 5.86
CA LYS A 160 9.84 0.23 4.98
C LYS A 160 11.18 -0.20 5.58
N THR A 161 11.51 0.23 6.79
CA THR A 161 12.77 -0.15 7.41
C THR A 161 12.75 -1.53 8.05
N TYR A 162 11.55 -2.06 8.27
CA TYR A 162 11.35 -3.37 8.94
C TYR A 162 12.16 -3.43 10.23
N GLY A 163 11.89 -2.48 11.10
CA GLY A 163 12.48 -2.43 12.43
C GLY A 163 11.94 -1.23 13.18
N LEU A 164 12.40 -1.03 14.42
CA LEU A 164 11.88 0.00 15.29
C LEU A 164 12.96 0.95 15.77
N CYS A 165 12.64 2.24 15.76
CA CYS A 165 13.51 3.25 16.33
C CYS A 165 12.95 3.65 17.69
N GLY A 166 13.85 4.03 18.60
CA GLY A 166 13.46 4.48 19.94
C GLY A 166 14.66 4.98 20.72
N LEU A 167 14.43 5.40 21.95
CA LEU A 167 15.49 5.93 22.81
C LEU A 167 15.87 4.93 23.89
N ALA A 168 17.16 4.86 24.20
CA ALA A 168 17.68 4.02 25.27
C ALA A 168 18.95 4.61 25.87
N GLU A 169 19.22 4.24 27.12
CA GLU A 169 20.38 4.74 27.83
C GLU A 169 21.65 4.14 27.24
N GLU A 170 22.64 4.98 26.96
CA GLU A 170 23.93 4.53 26.47
C GLU A 170 24.98 5.57 26.82
N ASN A 171 26.03 5.13 27.51
CA ASN A 171 27.08 6.04 27.98
C ASN A 171 26.51 7.20 28.80
N GLY A 172 25.53 6.90 29.64
CA GLY A 172 24.99 7.87 30.59
C GLY A 172 23.98 8.86 30.04
N VAL A 173 23.60 8.73 28.77
CA VAL A 173 22.59 9.61 28.16
C VAL A 173 21.62 8.86 27.27
N GLN A 174 20.51 9.53 26.96
CA GLN A 174 19.49 9.00 26.05
C GLN A 174 19.96 9.16 24.61
N GLN A 175 19.92 8.06 23.86
CA GLN A 175 20.36 8.03 22.47
C GLN A 175 19.43 7.20 21.60
N PRO A 176 19.34 7.53 20.30
CA PRO A 176 18.49 6.78 19.40
C PRO A 176 19.12 5.48 18.91
N PHE A 177 18.31 4.42 18.88
CA PHE A 177 18.70 3.13 18.34
C PHE A 177 17.67 2.59 17.37
N PHE A 178 18.13 1.74 16.46
CA PHE A 178 17.25 1.00 15.55
C PHE A 178 17.37 -0.48 15.84
N LEU A 179 16.24 -1.11 16.15
CA LEU A 179 16.18 -2.56 16.29
C LEU A 179 15.76 -3.17 14.97
N ASP A 180 16.63 -3.97 14.37
CA ASP A 180 16.39 -4.57 13.06
C ASP A 180 15.64 -5.89 13.22
N PHE A 181 14.43 -5.97 12.66
CA PHE A 181 13.62 -7.19 12.78
C PHE A 181 14.25 -8.42 12.12
N CYS A 182 14.99 -8.21 11.03
CA CYS A 182 15.66 -9.32 10.32
C CYS A 182 16.65 -10.08 11.20
N THR A 183 17.44 -9.34 11.98
CA THR A 183 18.54 -9.92 12.76
C THR A 183 18.34 -9.86 14.27
N GLY A 184 17.45 -9.00 14.74
CA GLY A 184 17.29 -8.76 16.17
C GLY A 184 18.44 -7.95 16.77
N GLU A 185 19.27 -7.37 15.91
CA GLU A 185 20.42 -6.58 16.35
C GLU A 185 20.10 -5.10 16.48
N TRP A 186 20.84 -4.43 17.36
CA TRP A 186 20.65 -3.01 17.64
C TRP A 186 21.70 -2.19 16.90
N LYS A 187 21.29 -1.09 16.29
CA LYS A 187 22.20 -0.16 15.61
C LYS A 187 22.06 1.23 16.19
N ALA A 188 23.17 1.82 16.61
CA ALA A 188 23.16 3.21 17.05
C ALA A 188 22.89 4.13 15.87
N LEU A 189 22.08 5.16 16.09
CA LEU A 189 21.72 6.09 15.03
C LEU A 189 22.46 7.42 15.08
N SER A 190 23.01 7.77 16.24
CA SER A 190 23.76 9.01 16.37
C SER A 190 25.26 8.73 16.44
N PHE A 191 26.04 9.59 15.80
CA PHE A 191 27.49 9.45 15.83
C PHE A 191 28.04 9.84 17.18
N TYR A 192 27.65 11.01 17.68
CA TYR A 192 28.13 11.48 18.98
C TYR A 192 27.20 11.05 20.11
N ASP A 193 27.73 11.05 21.32
CA ASP A 193 27.00 10.66 22.52
C ASP A 193 26.33 11.88 23.15
N TYR A 194 25.37 12.46 22.43
CA TYR A 194 24.65 13.62 22.91
C TYR A 194 23.29 13.18 23.44
N ASN A 195 22.89 13.75 24.58
CA ASN A 195 21.61 13.39 25.19
C ASN A 195 20.46 13.81 24.29
N THR A 196 19.46 12.94 24.19
CA THR A 196 18.33 13.14 23.31
C THR A 196 17.05 13.39 24.10
N LEU A 197 16.49 14.58 23.94
CA LEU A 197 15.20 14.93 24.54
C LEU A 197 14.06 14.07 24.04
N ALA A 198 14.03 13.84 22.72
CA ALA A 198 12.89 13.19 22.09
C ALA A 198 13.16 12.85 20.64
N LEU A 199 12.52 11.78 20.16
CA LEU A 199 12.42 11.54 18.73
C LEU A 199 11.25 12.35 18.23
N VAL A 200 11.28 12.72 16.96
CA VAL A 200 10.21 13.49 16.35
C VAL A 200 9.78 12.81 15.04
N ILE A 201 8.50 12.47 14.96
CA ILE A 201 7.96 11.81 13.80
C ILE A 201 7.00 12.72 13.05
N GLY A 202 6.55 12.28 11.88
CA GLY A 202 5.56 13.01 11.11
C GLY A 202 6.09 13.92 10.00
N SER A 203 7.41 13.95 9.79
CA SER A 203 7.97 14.80 8.74
C SER A 203 7.54 14.30 7.36
N GLY A 204 7.40 12.99 7.22
CA GLY A 204 7.01 12.40 5.95
C GLY A 204 7.80 11.13 5.69
N ASN A 205 9.13 11.25 5.69
CA ASN A 205 9.99 10.09 5.44
C ASN A 205 11.31 10.15 6.20
N ASP A 206 11.30 10.75 7.38
CA ASP A 206 12.50 10.87 8.22
C ASP A 206 12.12 10.84 9.69
N ILE A 207 13.04 10.33 10.52
CA ILE A 207 12.90 10.44 11.96
C ILE A 207 13.92 11.48 12.42
N ALA A 208 13.44 12.48 13.14
CA ALA A 208 14.30 13.51 13.67
C ALA A 208 14.53 13.27 15.15
N ALA A 209 15.47 14.01 15.73
CA ALA A 209 15.68 13.97 17.16
C ALA A 209 16.19 15.31 17.67
N ILE A 210 15.73 15.71 18.84
CA ILE A 210 16.22 16.91 19.49
C ILE A 210 17.34 16.48 20.43
N GLN A 211 18.55 16.95 20.17
CA GLN A 211 19.74 16.49 20.90
C GLN A 211 20.61 17.66 21.32
N GLN A 212 21.38 17.43 22.38
CA GLN A 212 22.23 18.46 22.98
C GLN A 212 23.54 18.58 22.21
N ARG A 213 23.54 19.46 21.21
CA ARG A 213 24.71 19.68 20.35
C ARG A 213 25.87 20.33 21.10
N GLY A 214 25.55 21.10 22.14
CA GLY A 214 26.57 21.73 22.99
C GLY A 214 25.96 22.29 24.26
N LYS A 215 25.98 23.61 24.39
CA LYS A 215 25.31 24.29 25.50
C LYS A 215 23.79 24.07 25.44
N GLY A 216 23.25 24.01 24.23
CA GLY A 216 21.82 23.86 24.02
C GLY A 216 21.44 22.75 23.05
N TYR A 217 20.17 22.75 22.66
CA TYR A 217 19.60 21.67 21.87
C TYR A 217 19.39 22.06 20.41
N SER A 218 19.65 21.10 19.52
CA SER A 218 19.46 21.27 18.08
C SER A 218 18.63 20.13 17.53
N LEU A 219 18.11 20.34 16.32
CA LEU A 219 17.29 19.33 15.66
C LEU A 219 18.17 18.54 14.70
N TYR A 220 18.10 17.21 14.79
CA TYR A 220 18.93 16.31 14.00
C TYR A 220 18.08 15.36 13.17
N ASN A 221 18.63 14.92 12.04
CA ASN A 221 18.08 13.79 11.31
C ASN A 221 18.86 12.56 11.70
N VAL A 222 18.18 11.60 12.32
CA VAL A 222 18.86 10.40 12.83
C VAL A 222 18.47 9.14 12.10
N SER A 223 17.69 9.26 11.03
CA SER A 223 17.30 8.10 10.23
C SER A 223 18.03 8.03 8.89
N ALA A 224 18.77 9.08 8.52
CA ALA A 224 19.48 9.12 7.24
C ALA A 224 20.40 7.91 6.99
N GLY A 225 21.00 7.37 8.04
CA GLY A 225 21.83 6.15 7.94
C GLY A 225 21.06 4.89 7.57
N LEU A 226 19.77 4.87 7.87
CA LEU A 226 18.92 3.75 7.48
C LEU A 226 18.42 3.84 6.04
N GLU A 227 18.22 5.07 5.55
CA GLU A 227 17.62 5.28 4.22
C GLU A 227 18.71 5.35 3.15
N GLN A 228 19.65 4.40 3.17
CA GLN A 228 20.92 4.56 2.47
C GLN A 228 21.60 3.19 2.26
N SER A 229 22.09 2.93 1.04
CA SER A 229 22.45 1.56 0.58
C SER A 229 23.60 0.84 1.30
N ASN A 230 24.44 1.59 2.02
CA ASN A 230 25.48 1.01 2.89
C ASN A 230 25.08 1.02 4.38
N TYR A 231 23.77 0.95 4.64
CA TYR A 231 23.24 0.79 6.00
C TYR A 231 24.00 -0.27 6.81
N ALA A 232 24.28 -1.42 6.18
CA ALA A 232 24.86 -2.57 6.87
C ALA A 232 26.16 -2.24 7.62
N THR A 233 26.98 -1.37 7.02
CA THR A 233 28.28 -0.99 7.58
C THR A 233 28.33 0.44 8.14
N LYS A 234 27.22 1.17 8.09
CA LYS A 234 27.20 2.59 8.49
C LYS A 234 25.76 3.07 8.79
N THR A 235 25.49 3.33 10.06
CA THR A 235 24.16 3.75 10.53
C THR A 235 24.13 5.03 11.36
N ARG A 236 25.24 5.34 12.04
CA ARG A 236 25.32 6.54 12.86
C ARG A 236 25.39 7.79 11.99
N SER A 237 24.53 8.77 12.26
CA SER A 237 24.50 10.01 11.51
C SER A 237 24.91 11.16 12.41
N ASN A 238 25.36 12.24 11.80
CA ASN A 238 25.57 13.49 12.49
C ASN A 238 25.08 14.66 11.63
N PHE A 239 23.76 14.84 11.58
CA PHE A 239 23.14 15.82 10.70
C PHE A 239 22.26 16.83 11.44
N PRO A 240 22.88 17.77 12.18
CA PRO A 240 22.10 18.84 12.78
C PRO A 240 21.67 19.88 11.75
N PRO A 242 21.28 23.73 10.38
CA PRO A 242 22.07 24.95 10.52
C PRO A 242 21.27 26.04 11.22
N GLU A 243 20.89 25.79 12.46
CA GLU A 243 20.12 26.73 13.25
C GLU A 243 20.79 26.88 14.61
N PRO A 244 20.49 27.97 15.33
CA PRO A 244 21.10 28.12 16.64
C PRO A 244 20.67 27.02 17.62
N GLN A 245 21.41 26.89 18.71
CA GLN A 245 21.05 25.98 19.79
C GLN A 245 20.17 26.73 20.76
N PHE A 246 19.23 26.02 21.38
CA PHE A 246 18.33 26.62 22.36
C PHE A 246 18.31 25.86 23.67
N GLU A 247 18.34 26.61 24.77
CA GLU A 247 18.17 26.05 26.11
C GLU A 247 16.69 25.77 26.37
N LEU A 248 16.44 24.86 27.30
CA LEU A 248 15.10 24.62 27.80
C LEU A 248 14.64 25.81 28.62
N PRO A 249 13.32 26.05 28.71
CA PRO A 249 12.84 27.14 29.56
C PRO A 249 13.15 26.87 31.04
N GLU A 250 13.21 27.94 31.85
CA GLU A 250 13.52 27.80 33.27
C GLU A 250 12.63 26.76 33.96
N GLY A 251 13.25 25.93 34.79
CA GLY A 251 12.54 24.90 35.53
C GLY A 251 12.68 23.52 34.92
N PHE A 252 12.66 23.45 33.59
CA PHE A 252 12.62 22.18 32.89
C PHE A 252 13.98 21.50 32.76
N THR A 253 13.96 20.17 32.81
CA THR A 253 15.17 19.35 32.74
C THR A 253 14.95 18.19 31.76
N PRO A 254 16.05 17.67 31.17
CA PRO A 254 15.96 16.65 30.11
C PRO A 254 15.18 15.37 30.46
N GLU A 255 15.24 14.94 31.71
CA GLU A 255 14.54 13.72 32.15
C GLU A 255 13.00 13.83 32.04
N GLN A 256 12.50 15.06 31.88
CA GLN A 256 11.06 15.30 31.74
C GLN A 256 10.50 15.04 30.34
N PHE A 257 11.38 14.76 29.38
CA PHE A 257 10.98 14.59 27.98
C PHE A 257 11.31 13.19 27.47
N GLY A 258 10.71 12.85 26.33
CA GLY A 258 11.08 11.63 25.60
C GLY A 258 10.24 10.40 25.86
N ASP A 259 9.25 10.50 26.73
CA ASP A 259 8.35 9.38 26.99
C ASP A 259 7.46 9.10 25.78
N TYR A 260 7.14 10.16 25.04
CA TYR A 260 6.37 10.03 23.81
C TYR A 260 7.04 10.80 22.68
N PRO A 261 6.90 10.30 21.44
CA PRO A 261 7.49 11.00 20.31
C PRO A 261 6.86 12.36 20.07
N GLY A 262 7.69 13.34 19.71
CA GLY A 262 7.20 14.62 19.25
C GLY A 262 6.61 14.48 17.86
N VAL A 263 5.88 15.49 17.42
CA VAL A 263 5.20 15.46 16.14
C VAL A 263 5.40 16.76 15.39
N PHE A 264 5.81 16.66 14.13
CA PHE A 264 5.91 17.83 13.26
C PHE A 264 4.53 18.27 12.83
N GLN A 266 2.20 20.40 10.13
CA GLN A 266 2.33 20.50 8.67
C GLN A 266 3.26 21.67 8.34
N GLY A 267 4.15 21.43 7.37
CA GLY A 267 5.21 22.39 7.04
C GLY A 267 6.52 22.09 7.75
N ASN A 268 6.47 21.27 8.80
CA ASN A 268 7.65 20.79 9.52
C ASN A 268 8.50 21.88 10.16
N GLU A 269 7.85 22.97 10.61
CA GLU A 269 8.56 24.06 11.28
C GLU A 269 8.33 24.05 12.78
N ILE A 270 7.13 23.67 13.20
CA ILE A 270 6.78 23.58 14.61
C ILE A 270 6.65 22.12 15.05
N ILE A 271 7.18 21.80 16.22
CA ILE A 271 7.15 20.46 16.77
C ILE A 271 6.39 20.44 18.09
N LEU A 272 5.49 19.47 18.25
CA LEU A 272 4.71 19.32 19.48
C LEU A 272 5.38 18.32 20.41
N LEU A 273 5.63 18.72 21.64
CA LEU A 273 6.16 17.84 22.67
C LEU A 273 5.29 17.89 23.91
N SER A 274 5.46 16.91 24.78
CA SER A 274 4.88 16.95 26.11
C SER A 274 5.99 16.69 27.13
N ALA A 275 5.86 17.33 28.29
CA ALA A 275 6.84 17.19 29.36
C ALA A 275 6.15 16.82 30.67
N ARG A 276 6.77 15.88 31.39
CA ARG A 276 6.27 15.41 32.67
C ARG A 276 6.91 16.20 33.81
N LYS A 277 6.08 16.85 34.63
CA LYS A 277 6.58 17.57 35.81
C LYS A 277 6.88 16.61 36.96
N GLY A 278 7.63 17.09 37.96
CA GLY A 278 8.00 16.29 39.12
C GLY A 278 6.81 15.72 39.87
N ASN A 279 5.74 16.50 39.96
CA ASN A 279 4.52 16.10 40.65
C ASN A 279 3.58 15.16 39.86
N GLY A 280 4.03 14.67 38.71
CA GLY A 280 3.24 13.74 37.90
C GLY A 280 2.27 14.37 36.91
N LYS A 281 2.21 15.70 36.90
CA LYS A 281 1.41 16.43 35.93
C LYS A 281 2.20 16.62 34.62
N TRP A 282 1.49 16.95 33.54
CA TRP A 282 2.08 17.08 32.21
C TRP A 282 1.70 18.41 31.58
N VAL A 283 2.61 18.97 30.78
CA VAL A 283 2.33 20.21 30.03
C VAL A 283 2.68 20.03 28.55
N PRO A 284 1.94 20.72 27.67
CA PRO A 284 2.32 20.76 26.27
C PRO A 284 3.46 21.76 26.05
N LEU A 286 5.94 23.41 22.89
CA LEU A 286 6.21 23.56 21.46
C LEU A 286 7.69 23.87 21.23
N TYR A 287 8.19 23.43 20.07
CA TYR A 287 9.58 23.69 19.70
C TYR A 287 9.65 24.16 18.26
N ASN A 288 10.31 25.31 18.07
CA ASN A 288 10.56 25.88 16.76
C ASN A 288 12.08 25.90 16.57
N TYR A 289 12.58 25.22 15.54
CA TYR A 289 14.02 25.10 15.36
C TYR A 289 14.71 26.43 15.05
N ARG A 290 13.93 27.46 14.69
CA ARG A 290 14.46 28.81 14.48
CA ARG A 290 14.44 28.81 14.47
C ARG A 290 14.37 29.69 15.72
N ASN A 291 13.41 29.43 16.60
CA ASN A 291 13.15 30.29 17.77
C ASN A 291 13.31 29.66 19.17
N GLY A 292 13.24 28.33 19.25
CA GLY A 292 13.45 27.62 20.51
C GLY A 292 12.19 27.04 21.11
N PHE A 293 12.22 26.86 22.43
CA PHE A 293 11.13 26.21 23.17
C PHE A 293 10.18 27.24 23.76
N TYR A 294 8.90 26.89 23.81
CA TYR A 294 7.93 27.65 24.60
C TYR A 294 6.77 26.78 25.04
N VAL A 295 6.32 27.01 26.27
CA VAL A 295 5.24 26.23 26.85
C VAL A 295 3.91 26.75 26.31
N LEU A 296 3.04 25.84 25.89
CA LEU A 296 1.69 26.22 25.51
C LEU A 296 0.88 26.40 26.78
N GLU A 297 0.74 27.65 27.21
CA GLU A 297 0.24 27.98 28.55
C GLU A 297 -1.22 27.59 28.79
N GLY A 298 -1.58 27.42 30.05
CA GLY A 298 -2.97 27.21 30.47
C GLY A 298 -3.42 25.77 30.63
N ILE A 299 -2.56 24.82 30.25
CA ILE A 299 -2.88 23.39 30.34
C ILE A 299 -1.89 22.66 31.24
N GLU A 300 -2.41 22.00 32.28
CA GLU A 300 -1.65 21.12 33.13
C GLU A 300 -2.52 19.89 33.42
N ALA A 301 -2.18 18.76 32.79
CA ALA A 301 -3.04 17.57 32.77
C ALA A 301 -2.32 16.34 33.33
N ASP A 302 -3.06 15.23 33.40
CA ASP A 302 -2.53 13.99 33.97
C ASP A 302 -1.84 13.11 32.94
N ALA A 303 -2.07 13.38 31.65
CA ALA A 303 -1.27 12.79 30.57
C ALA A 303 -1.48 13.58 29.29
N ILE A 304 -0.40 13.75 28.53
CA ILE A 304 -0.46 14.45 27.25
C ILE A 304 0.41 13.71 26.24
N ILE A 305 -0.19 13.34 25.11
CA ILE A 305 0.52 12.67 24.04
C ILE A 305 0.24 13.42 22.74
N PRO A 306 1.29 13.88 22.03
CA PRO A 306 1.07 14.49 20.73
C PRO A 306 0.69 13.44 19.68
N PHE A 307 -0.08 13.85 18.68
CA PHE A 307 -0.41 12.94 17.57
C PHE A 307 -0.52 13.69 16.27
N TYR A 308 -0.58 12.93 15.17
CA TYR A 308 -0.90 13.48 13.87
C TYR A 308 -1.78 12.53 13.08
N PHE A 309 -2.59 13.09 12.20
CA PHE A 309 -3.29 12.32 11.15
C PHE A 309 -2.59 12.60 9.82
N GLY A 310 -2.16 11.56 9.12
CA GLY A 310 -1.67 11.71 7.76
C GLY A 310 -2.86 11.69 6.80
N ALA A 312 -2.85 12.15 3.53
CA ALA A 312 -2.53 11.49 2.26
C ALA A 312 -1.36 10.55 2.48
N LEU A 313 -1.11 9.67 1.51
CA LEU A 313 0.03 8.75 1.58
C LEU A 313 1.32 9.55 1.35
N PRO A 314 2.36 9.29 2.17
CA PRO A 314 3.65 9.97 1.95
C PRO A 314 4.41 9.38 0.75
N ASP A 315 5.35 10.15 0.20
CA ASP A 315 6.17 9.70 -0.93
C ASP A 315 7.65 9.61 -0.51
N SER A 316 8.22 8.40 -0.60
CA SER A 316 9.62 8.17 -0.26
C SER A 316 10.50 8.21 -1.49
N LEU A 321 8.83 17.50 -0.90
CA LEU A 321 7.41 17.15 -1.03
C LEU A 321 6.62 17.39 0.26
N LEU A 322 5.46 18.04 0.15
CA LEU A 322 4.73 18.55 1.32
C LEU A 322 3.71 17.54 1.87
N TYR A 323 4.01 16.98 3.04
CA TYR A 323 3.18 15.98 3.68
C TYR A 323 2.02 16.64 4.43
N GLN A 324 0.80 16.35 4.01
CA GLN A 324 -0.39 17.02 4.54
C GLN A 324 -0.97 16.31 5.75
N LYS A 325 -1.28 17.06 6.80
CA LYS A 325 -1.68 16.47 8.07
C LYS A 325 -2.37 17.44 9.04
N LYS A 326 -3.12 16.86 9.97
CA LYS A 326 -3.70 17.57 11.09
C LYS A 326 -3.03 17.03 12.34
N VAL A 327 -2.51 17.91 13.19
CA VAL A 327 -1.81 17.49 14.39
C VAL A 327 -2.45 18.07 15.64
N GLY A 328 -2.20 17.43 16.77
CA GLY A 328 -2.71 17.91 18.03
C GLY A 328 -2.21 17.14 19.23
N TYR A 329 -2.89 17.34 20.34
CA TYR A 329 -2.55 16.74 21.62
C TYR A 329 -3.72 15.93 22.16
N ILE A 331 -5.25 14.94 25.45
CA ILE A 331 -5.17 15.47 26.81
C ILE A 331 -6.06 14.67 27.74
N TYR A 332 -5.47 14.13 28.81
CA TYR A 332 -6.18 13.25 29.75
C TYR A 332 -6.23 13.82 31.16
N TYR A 333 -7.41 13.82 31.76
CA TYR A 333 -7.60 14.17 33.16
C TYR A 333 -8.23 12.99 33.88
N SER A 334 -7.73 12.67 35.07
CA SER A 334 -8.23 11.52 35.84
C SER A 334 -9.60 11.78 36.49
N SER A 335 -9.95 13.05 36.68
CA SER A 335 -11.20 13.41 37.35
C SER A 335 -11.77 14.74 36.86
N GLY A 336 -12.94 15.11 37.38
CA GLY A 336 -13.54 16.42 37.11
C GLY A 336 -14.41 16.46 35.87
N ASP A 337 -14.74 17.68 35.44
CA ASP A 337 -15.66 17.91 34.31
C ASP A 337 -15.13 17.39 32.97
N ASN A 338 -13.82 17.28 32.82
CA ASN A 338 -13.23 16.68 31.61
C ASN A 338 -12.56 15.34 31.90
N ARG A 339 -13.14 14.54 32.80
CA ARG A 339 -12.63 13.20 33.10
C ARG A 339 -12.41 12.45 31.78
N GLY A 340 -11.26 11.80 31.65
CA GLY A 340 -10.97 10.97 30.48
C GLY A 340 -10.04 11.62 29.45
N SER A 341 -10.03 11.04 28.25
CA SER A 341 -9.10 11.41 27.19
C SER A 341 -9.76 12.28 26.12
N SER A 342 -9.23 13.48 25.91
CA SER A 342 -9.71 14.40 24.87
C SER A 342 -8.67 14.55 23.75
N PHE A 343 -9.14 14.51 22.50
CA PHE A 343 -8.28 14.71 21.34
C PHE A 343 -8.58 16.07 20.72
N ARG A 344 -7.60 16.95 20.75
CA ARG A 344 -7.77 18.34 20.33
C ARG A 344 -6.68 18.76 19.36
N LEU A 345 -7.07 19.27 18.20
CA LEU A 345 -6.10 19.73 17.21
C LEU A 345 -5.45 21.03 17.64
N LEU A 346 -4.19 21.20 17.25
CA LEU A 346 -3.49 22.46 17.41
C LEU A 346 -3.50 23.15 16.05
N GLU A 347 -4.22 24.28 15.97
CA GLU A 347 -4.37 25.02 14.73
C GLU A 347 -4.26 26.52 15.01
N PRO A 348 -3.94 27.31 13.97
CA PRO A 348 -3.88 28.77 14.14
C PRO A 348 -5.27 29.38 14.20
N ASP A 349 -5.44 30.39 15.06
CA ASP A 349 -6.73 31.06 15.24
C ASP A 349 -7.25 31.65 13.93
N LYS A 350 -8.57 31.61 13.74
CA LYS A 350 -9.22 32.28 12.62
C LYS A 350 -9.02 33.79 12.68
N GLU A 351 -8.64 34.29 13.86
CA GLU A 351 -8.31 35.71 14.05
C GLU A 351 -6.91 36.08 13.52
N SER A 352 -5.88 35.41 14.04
CA SER A 352 -4.50 35.77 13.70
C SER A 352 -3.52 34.60 13.85
N SER A 353 -2.26 34.92 14.14
CA SER A 353 -1.16 33.96 14.05
C SER A 353 -1.13 32.88 15.14
N LYS A 354 -1.31 33.28 16.40
CA LYS A 354 -1.13 32.40 17.56
C LYS A 354 -1.75 31.01 17.40
N LEU A 355 -1.03 29.98 17.85
CA LEU A 355 -1.52 28.60 17.80
C LEU A 355 -2.37 28.31 19.04
N GLN A 356 -3.63 27.92 18.83
CA GLN A 356 -4.56 27.63 19.92
C GLN A 356 -5.04 26.19 19.83
N LEU A 357 -5.22 25.54 20.98
CA LEU A 357 -5.86 24.24 21.04
C LEU A 357 -7.34 24.37 20.70
N GLN A 358 -7.81 23.54 19.77
CA GLN A 358 -9.21 23.54 19.37
C GLN A 358 -10.04 22.74 20.35
N GLU A 359 -11.36 22.89 20.28
CA GLU A 359 -12.26 22.06 21.07
C GLU A 359 -12.11 20.62 20.59
N PRO A 360 -12.40 19.64 21.46
CA PRO A 360 -12.12 18.25 21.07
C PRO A 360 -12.95 17.80 19.87
N PHE A 361 -12.35 16.96 19.03
CA PHE A 361 -13.11 16.28 17.97
C PHE A 361 -13.49 14.88 18.42
N ALA A 362 -12.89 14.42 19.51
CA ALA A 362 -13.22 13.14 20.13
C ALA A 362 -12.89 13.18 21.61
N GLN A 363 -13.75 12.58 22.42
CA GLN A 363 -13.65 12.61 23.87
C GLN A 363 -14.09 11.25 24.39
N LEU A 364 -13.29 10.65 25.27
CA LEU A 364 -13.63 9.35 25.86
C LEU A 364 -13.56 9.40 27.37
N SER A 365 -14.71 9.54 28.01
CA SER A 365 -14.79 9.61 29.47
C SER A 365 -14.52 8.24 30.10
N ASP A 366 -13.83 8.24 31.22
CA ASP A 366 -13.51 7.01 31.95
C ASP A 366 -12.64 6.03 31.13
N LYS A 367 -11.78 6.58 30.26
CA LYS A 367 -10.78 5.79 29.53
C LYS A 367 -9.49 6.59 29.39
N LYS A 368 -8.36 5.93 29.66
CA LYS A 368 -7.06 6.58 29.60
C LYS A 368 -6.24 6.08 28.42
N VAL A 369 -5.88 6.99 27.52
CA VAL A 369 -5.03 6.66 26.39
C VAL A 369 -3.59 6.53 26.85
N VAL A 370 -2.96 5.40 26.52
CA VAL A 370 -1.55 5.16 26.92
C VAL A 370 -0.58 5.02 25.74
N SER A 371 -1.12 4.87 24.53
CA SER A 371 -0.29 4.84 23.33
C SER A 371 -1.12 5.30 22.14
N ILE A 372 -0.46 6.01 21.22
CA ILE A 372 -1.03 6.39 19.94
C ILE A 372 -0.02 6.09 18.84
N THR A 373 -0.50 5.57 17.72
CA THR A 373 0.38 5.26 16.60
C THR A 373 -0.42 5.21 15.28
N ASN A 374 0.28 5.22 14.15
CA ASN A 374 -0.35 5.40 12.84
C ASN A 374 -0.04 4.28 11.87
N ARG A 375 -1.07 3.77 11.21
CA ARG A 375 -0.90 2.79 10.16
C ARG A 375 -0.92 3.53 8.82
N LEU A 376 0.25 3.62 8.18
CA LEU A 376 0.42 4.53 7.05
C LEU A 376 -0.08 4.02 5.70
N ASP A 377 -0.57 2.79 5.62
CA ASP A 377 -1.32 2.34 4.43
C ASP A 377 -2.81 2.72 4.52
N ARG A 378 -3.20 3.30 5.65
CA ARG A 378 -4.49 3.99 5.78
C ARG A 378 -4.24 5.47 5.67
N ILE A 379 -5.30 6.23 5.44
CA ILE A 379 -5.22 7.68 5.49
C ILE A 379 -6.25 8.20 6.49
N GLY A 380 -5.88 9.25 7.21
CA GLY A 380 -6.78 9.91 8.15
C GLY A 380 -7.24 9.08 9.32
N THR A 381 -6.36 8.23 9.84
CA THR A 381 -6.67 7.45 11.05
C THR A 381 -5.52 7.49 12.04
N ILE A 382 -5.87 7.29 13.30
CA ILE A 382 -4.89 6.99 14.35
C ILE A 382 -5.33 5.71 15.04
N THR A 383 -4.36 5.03 15.64
CA THR A 383 -4.63 3.82 16.38
C THR A 383 -4.27 4.09 17.82
N VAL A 384 -5.19 3.76 18.72
CA VAL A 384 -5.10 4.18 20.11
C VAL A 384 -5.24 2.98 21.04
N LEU A 385 -4.48 3.01 22.14
CA LEU A 385 -4.53 1.97 23.16
C LEU A 385 -5.06 2.58 24.46
N PHE A 386 -6.20 2.07 24.94
CA PHE A 386 -6.84 2.53 26.17
C PHE A 386 -6.68 1.52 27.30
N SER A 387 -6.85 2.00 28.52
CA SER A 387 -7.06 1.12 29.68
C SER A 387 -8.31 1.57 30.42
N ASP A 388 -8.93 0.64 31.15
CA ASP A 388 -10.06 0.95 32.04
C ASP A 388 -9.57 1.16 33.48
N ARG A 393 -7.61 -3.69 28.61
CA ARG A 393 -7.08 -2.80 27.58
C ARG A 393 -7.80 -2.93 26.24
N THR A 394 -7.91 -1.83 25.52
CA THR A 394 -8.64 -1.77 24.26
C THR A 394 -7.80 -1.09 23.17
N THR A 395 -7.89 -1.61 21.96
CA THR A 395 -7.21 -1.03 20.80
C THR A 395 -8.27 -0.56 19.82
N SER A 396 -8.18 0.70 19.38
CA SER A 396 -9.22 1.26 18.52
C SER A 396 -8.71 2.31 17.54
N ASP A 397 -9.27 2.30 16.33
CA ASP A 397 -8.96 3.28 15.30
C ASP A 397 -10.00 4.40 15.29
N PHE A 398 -9.54 5.64 15.16
CA PHE A 398 -10.44 6.76 14.89
C PHE A 398 -10.24 7.24 13.46
N ASP A 399 -11.32 7.31 12.70
CA ASP A 399 -11.28 7.76 11.31
C ASP A 399 -11.75 9.21 11.23
N TRP A 400 -10.85 10.09 10.85
CA TRP A 400 -11.14 11.52 10.79
C TRP A 400 -12.37 11.86 9.95
N ASN A 401 -12.54 11.17 8.82
CA ASN A 401 -13.59 11.52 7.86
C ASN A 401 -14.99 11.08 8.30
N SER A 402 -15.08 9.97 9.03
CA SER A 402 -16.35 9.50 9.58
C SER A 402 -16.55 9.86 11.05
N LYS A 403 -15.50 10.37 11.70
CA LYS A 403 -15.53 10.74 13.12
C LYS A 403 -15.99 9.59 14.03
N GLU A 404 -15.69 8.35 13.63
CA GLU A 404 -16.12 7.17 14.38
C GLU A 404 -14.94 6.32 14.82
N TRP A 405 -15.05 5.73 16.00
CA TRP A 405 -14.10 4.75 16.49
C TRP A 405 -14.48 3.38 15.95
N THR A 406 -13.48 2.50 15.84
CA THR A 406 -13.71 1.11 15.45
C THR A 406 -12.70 0.23 16.19
N ASP A 407 -13.20 -0.62 17.07
CA ASP A 407 -12.35 -1.44 17.93
C ASP A 407 -11.80 -2.65 17.17
N TYR A 408 -10.56 -3.01 17.48
CA TYR A 408 -9.99 -4.29 17.04
C TYR A 408 -10.47 -5.37 18.01
N THR A 409 -11.30 -6.30 17.52
CA THR A 409 -11.87 -7.34 18.38
C THR A 409 -10.89 -8.45 18.77
N ASP A 410 -9.81 -8.62 18.01
CA ASP A 410 -8.77 -9.60 18.36
C ASP A 410 -7.86 -9.14 19.49
N LEU A 411 -7.91 -7.85 19.81
CA LEU A 411 -6.89 -7.22 20.66
C LEU A 411 -7.48 -6.60 21.93
N SER A 412 -7.93 -7.46 22.84
CA SER A 412 -8.42 -7.05 24.16
C SER A 412 -7.44 -7.40 25.28
N ASP A 413 -6.67 -8.47 25.11
CA ASP A 413 -5.68 -8.88 26.13
C ASP A 413 -4.58 -7.81 26.28
N PRO A 415 -1.14 -7.00 26.91
CA PRO A 415 -0.37 -6.64 28.11
C PRO A 415 0.78 -5.66 27.81
N TYR A 416 0.43 -4.50 27.25
CA TYR A 416 1.40 -3.51 26.79
C TYR A 416 0.97 -2.09 27.19
N ASN A 417 1.95 -1.22 27.41
CA ASN A 417 1.70 0.22 27.55
C ASN A 417 2.01 0.99 26.27
N SER A 418 2.85 0.41 25.42
CA SER A 418 3.19 1.00 24.13
C SER A 418 2.98 0.00 23.03
N VAL A 419 2.29 0.42 21.97
CA VAL A 419 2.21 -0.36 20.74
C VAL A 419 2.59 0.55 19.57
N VAL A 420 3.06 -0.06 18.49
CA VAL A 420 3.53 0.68 17.33
C VAL A 420 3.22 -0.07 16.05
N TRP A 421 2.70 0.65 15.07
CA TRP A 421 2.55 0.11 13.72
C TRP A 421 3.90 0.17 13.00
N ALA A 422 4.24 -0.87 12.25
CA ALA A 422 5.51 -0.89 11.54
C ALA A 422 5.52 -1.79 10.33
N ASN A 423 6.31 -1.38 9.33
CA ASN A 423 6.73 -2.25 8.24
C ASN A 423 8.16 -1.90 7.84
N LYS B 10 -26.10 37.69 -22.31
CA LYS B 10 -26.64 36.29 -22.31
C LYS B 10 -26.64 35.69 -20.89
N ILE B 11 -27.68 36.03 -20.13
CA ILE B 11 -27.98 35.35 -18.86
C ILE B 11 -28.76 34.08 -19.20
N LEU B 12 -28.25 32.92 -18.77
CA LEU B 12 -28.84 31.64 -19.20
C LEU B 12 -30.21 31.39 -18.58
N VAL B 13 -30.30 31.60 -17.26
CA VAL B 13 -31.54 31.34 -16.52
C VAL B 13 -31.72 32.39 -15.45
N THR B 14 -32.98 32.71 -15.17
CA THR B 14 -33.32 33.74 -14.20
C THR B 14 -33.91 33.12 -12.95
N ASN B 15 -33.86 33.85 -11.84
CA ASN B 15 -34.39 33.39 -10.54
C ASN B 15 -33.88 32.01 -10.21
N ALA B 16 -32.61 31.78 -10.49
CA ALA B 16 -32.02 30.46 -10.39
C ALA B 16 -31.18 30.29 -9.13
N GLY B 17 -30.90 29.03 -8.80
CA GLY B 17 -30.10 28.72 -7.64
C GLY B 17 -30.04 27.24 -7.38
N VAL B 18 -29.46 26.88 -6.23
CA VAL B 18 -29.37 25.50 -5.78
C VAL B 18 -30.13 25.41 -4.49
N THR B 19 -31.05 24.46 -4.41
CA THR B 19 -31.87 24.31 -3.20
C THR B 19 -31.00 24.13 -1.98
N GLU B 20 -29.98 23.28 -2.10
CA GLU B 20 -29.10 22.98 -0.97
C GLU B 20 -27.88 23.92 -0.91
N ALA B 21 -28.02 25.12 -1.44
CA ALA B 21 -26.91 26.08 -1.49
C ALA B 21 -26.29 26.31 -0.12
N ASN B 22 -24.96 26.29 -0.08
CA ASN B 22 -24.19 26.57 1.14
C ASN B 22 -24.40 25.57 2.28
N GLN B 23 -24.94 24.40 1.96
CA GLN B 23 -25.14 23.36 2.95
C GLN B 23 -24.15 22.24 2.72
N THR B 24 -24.05 21.35 3.69
CA THR B 24 -23.24 20.15 3.53
C THR B 24 -24.10 19.04 2.94
N VAL B 25 -23.60 18.41 1.88
CA VAL B 25 -24.31 17.32 1.22
C VAL B 25 -23.39 16.11 1.15
N LYS B 26 -23.95 14.92 0.94
CA LYS B 26 -23.17 13.70 0.91
C LYS B 26 -23.06 13.13 -0.51
N PRO B 27 -21.94 12.48 -0.81
CA PRO B 27 -21.84 11.72 -2.06
C PRO B 27 -23.00 10.75 -2.20
N GLY B 28 -23.64 10.75 -3.36
CA GLY B 28 -24.83 9.92 -3.59
C GLY B 28 -26.16 10.65 -3.39
N ASP B 29 -26.14 11.79 -2.70
CA ASP B 29 -27.34 12.61 -2.51
C ASP B 29 -27.79 13.25 -3.82
N ILE B 30 -29.07 13.60 -3.86
CA ILE B 30 -29.64 14.39 -4.94
C ILE B 30 -29.62 15.87 -4.54
N VAL B 31 -29.04 16.70 -5.39
CA VAL B 31 -29.09 18.15 -5.24
C VAL B 31 -30.02 18.74 -6.31
N HIS B 32 -30.81 19.73 -5.92
CA HIS B 32 -31.83 20.31 -6.78
C HIS B 32 -31.43 21.68 -7.27
N ILE B 33 -31.66 21.92 -8.57
CA ILE B 33 -31.40 23.19 -9.21
C ILE B 33 -32.72 23.76 -9.70
N TYR B 34 -32.92 25.05 -9.51
CA TYR B 34 -34.16 25.70 -9.94
C TYR B 34 -33.86 26.97 -10.75
N GLY B 35 -34.89 27.45 -11.44
CA GLY B 35 -34.77 28.64 -12.28
C GLY B 35 -35.72 28.61 -13.46
N ASP B 36 -35.78 29.71 -14.20
CA ASP B 36 -36.61 29.82 -15.39
C ASP B 36 -35.72 29.91 -16.62
N GLY B 37 -36.02 29.12 -17.64
CA GLY B 37 -35.33 29.20 -18.92
C GLY B 37 -34.37 28.07 -19.25
N PHE B 38 -34.46 26.95 -18.54
CA PHE B 38 -33.66 25.78 -18.89
C PHE B 38 -34.06 25.24 -20.25
N GLN B 39 -33.13 24.54 -20.90
CA GLN B 39 -33.32 24.07 -22.27
C GLN B 39 -32.84 22.64 -22.43
N GLU B 40 -33.43 21.93 -23.40
CA GLU B 40 -32.99 20.57 -23.72
C GLU B 40 -31.51 20.63 -24.08
N GLY B 41 -30.71 19.79 -23.44
CA GLY B 41 -29.30 19.72 -23.75
C GLY B 41 -28.43 20.50 -22.79
N ASP B 42 -29.02 21.33 -21.94
CA ASP B 42 -28.27 21.98 -20.88
C ASP B 42 -27.58 20.93 -20.04
N GLN B 43 -26.31 21.18 -19.73
CA GLN B 43 -25.55 20.29 -18.87
C GLN B 43 -25.17 21.02 -17.59
N VAL B 44 -24.65 20.27 -16.63
CA VAL B 44 -24.24 20.83 -15.36
C VAL B 44 -22.82 20.38 -15.05
N ASP B 45 -21.96 21.33 -14.67
CA ASP B 45 -20.55 21.09 -14.38
C ASP B 45 -20.25 21.38 -12.92
N PHE B 46 -19.32 20.63 -12.36
CA PHE B 46 -18.80 20.85 -11.02
C PHE B 46 -17.37 21.37 -11.11
N ASP B 47 -17.01 22.27 -10.21
CA ASP B 47 -15.60 22.59 -9.93
C ASP B 47 -15.36 22.29 -8.45
N PHE B 48 -14.31 21.53 -8.16
CA PHE B 48 -13.99 21.10 -6.80
C PHE B 48 -12.76 21.85 -6.30
N ARG B 49 -12.80 22.24 -5.03
CA ARG B 49 -11.65 22.80 -4.34
C ARG B 49 -11.51 22.11 -2.98
N TRP B 50 -10.34 21.56 -2.68
CA TRP B 50 -10.14 20.87 -1.42
C TRP B 50 -8.79 21.12 -0.76
N ASP B 51 -8.77 20.95 0.56
CA ASP B 51 -7.55 21.00 1.36
C ASP B 51 -7.48 19.72 2.17
N LEU B 52 -6.54 18.84 1.85
CA LEU B 52 -6.44 17.53 2.55
C LEU B 52 -6.07 17.70 4.03
N GLY B 53 -5.07 18.51 4.31
CA GLY B 53 -4.65 18.79 5.68
C GLY B 53 -5.03 20.19 6.07
N GLU B 54 -4.05 21.00 6.40
CA GLU B 54 -4.29 22.42 6.59
C GLU B 54 -4.23 23.11 5.23
N PRO B 55 -4.94 24.25 5.08
CA PRO B 55 -4.89 24.96 3.80
C PRO B 55 -3.51 25.52 3.47
N LEU B 56 -3.07 25.27 2.23
CA LEU B 56 -1.86 25.86 1.68
C LEU B 56 -2.11 26.14 0.20
N PHE B 57 -1.40 27.12 -0.36
CA PHE B 57 -1.42 27.33 -1.79
C PHE B 57 -0.26 26.56 -2.42
N PRO B 58 -0.53 25.78 -3.48
CA PRO B 58 -1.81 25.52 -4.11
C PRO B 58 -2.65 24.50 -3.37
N GLU B 59 -3.97 24.64 -3.49
CA GLU B 59 -4.90 23.67 -2.95
C GLU B 59 -5.06 22.54 -3.95
N GLY B 60 -6.04 21.68 -3.72
CA GLY B 60 -6.42 20.66 -4.70
C GLY B 60 -7.58 21.16 -5.52
N TYR B 61 -7.51 20.97 -6.84
CA TYR B 61 -8.52 21.50 -7.75
C TYR B 61 -8.95 20.45 -8.73
N LEU B 62 -10.20 20.52 -9.14
CA LEU B 62 -10.70 19.67 -10.20
C LEU B 62 -11.88 20.37 -10.86
N GLY B 63 -11.95 20.29 -12.18
CA GLY B 63 -13.02 20.94 -12.92
C GLY B 63 -12.65 21.27 -14.35
N PRO B 64 -13.63 21.22 -15.28
CA PRO B 64 -15.04 20.90 -15.06
C PRO B 64 -15.29 19.39 -15.05
N VAL B 65 -16.15 18.94 -14.16
CA VAL B 65 -16.52 17.56 -14.06
C VAL B 65 -18.03 17.55 -14.27
N GLY B 66 -18.48 16.87 -15.33
CA GLY B 66 -19.88 16.80 -15.65
C GLY B 66 -20.66 16.15 -14.53
N ALA B 67 -21.81 16.72 -14.20
CA ALA B 67 -22.69 16.16 -13.19
C ALA B 67 -23.68 15.22 -13.84
N GLU B 68 -23.98 14.11 -13.18
CA GLU B 68 -25.05 13.24 -13.63
C GLU B 68 -26.39 13.90 -13.36
N ILE B 69 -27.19 14.05 -14.41
CA ILE B 69 -28.51 14.66 -14.29
C ILE B 69 -29.56 13.56 -14.16
N VAL B 70 -30.29 13.58 -13.05
CA VAL B 70 -31.26 12.52 -12.73
C VAL B 70 -32.65 12.86 -13.25
N GLU B 71 -33.10 14.09 -13.00
CA GLU B 71 -34.40 14.57 -13.46
C GLU B 71 -34.19 15.87 -14.20
N ARG B 72 -35.09 16.17 -15.13
CA ARG B 72 -34.95 17.35 -15.96
C ARG B 72 -36.31 17.94 -16.34
N HIS B 73 -36.50 19.23 -16.07
CA HIS B 73 -37.67 19.97 -16.56
C HIS B 73 -37.24 21.37 -16.96
N SER B 74 -38.21 22.18 -17.38
CA SER B 74 -37.93 23.56 -17.81
C SER B 74 -37.74 24.50 -16.63
N ASN B 75 -38.23 24.11 -15.45
CA ASN B 75 -38.11 24.92 -14.23
C ASN B 75 -36.97 24.48 -13.32
N GLY B 76 -36.27 23.40 -13.68
CA GLY B 76 -35.12 22.96 -12.90
C GLY B 76 -34.67 21.54 -13.19
N SER B 78 -32.58 17.82 -11.26
CA SER B 78 -31.99 17.09 -10.14
C SER B 78 -30.65 16.51 -10.59
N ILE B 79 -29.61 16.68 -9.79
CA ILE B 79 -28.29 16.12 -10.10
C ILE B 79 -27.83 15.25 -8.94
N ARG B 80 -26.95 14.29 -9.24
CA ARG B 80 -26.40 13.43 -8.21
C ARG B 80 -24.99 13.90 -7.85
N PRO B 82 -21.23 13.28 -6.72
CA PRO B 82 -20.35 12.15 -6.98
C PRO B 82 -19.55 11.66 -5.78
N TYR B 83 -19.15 10.40 -5.87
CA TYR B 83 -18.18 9.80 -4.96
C TYR B 83 -16.77 10.07 -5.49
N ARG B 84 -15.77 9.64 -4.71
CA ARG B 84 -14.36 9.58 -5.11
C ARG B 84 -13.59 10.89 -5.09
N LYS B 85 -14.20 11.95 -4.56
CA LYS B 85 -13.44 13.16 -4.30
C LYS B 85 -13.28 13.33 -2.79
N PRO B 86 -12.26 14.08 -2.36
CA PRO B 86 -12.18 14.46 -0.94
C PRO B 86 -13.25 15.48 -0.58
N GLU B 87 -13.36 15.79 0.71
CA GLU B 87 -14.26 16.83 1.16
C GLU B 87 -13.93 18.10 0.40
N SER B 88 -14.92 18.66 -0.28
CA SER B 88 -14.69 19.74 -1.24
C SER B 88 -15.72 20.83 -1.19
N ARG B 89 -15.27 22.06 -1.42
CA ARG B 89 -16.14 23.14 -1.86
C ARG B 89 -16.45 22.85 -3.32
N VAL B 90 -17.72 22.66 -3.62
CA VAL B 90 -18.17 22.36 -4.98
C VAL B 90 -18.99 23.51 -5.51
N GLU B 91 -18.54 24.10 -6.62
CA GLU B 91 -19.33 25.12 -7.30
C GLU B 91 -20.03 24.46 -8.47
N ILE B 92 -21.32 24.74 -8.59
CA ILE B 92 -22.20 24.11 -9.57
C ILE B 92 -22.54 25.10 -10.68
N PHE B 93 -22.22 24.74 -11.92
CA PHE B 93 -22.41 25.59 -13.09
C PHE B 93 -23.41 25.02 -14.08
N LEU B 94 -24.27 25.88 -14.61
CA LEU B 94 -25.11 25.52 -15.75
C LEU B 94 -24.27 25.70 -17.01
N ASN B 95 -24.24 24.68 -17.86
CA ASN B 95 -23.45 24.70 -19.09
C ASN B 95 -24.35 24.59 -20.30
N ARG B 96 -24.51 25.70 -21.03
CA ARG B 96 -25.27 25.71 -22.27
C ARG B 96 -24.33 25.93 -23.45
N ALA B 97 -23.90 24.82 -24.06
CA ALA B 97 -22.92 24.84 -25.16
C ALA B 97 -21.59 25.48 -24.69
N SER B 98 -21.22 26.61 -25.28
CA SER B 98 -20.08 27.40 -24.79
C SER B 98 -20.29 27.87 -23.33
N GLU B 99 -21.38 28.60 -23.10
CA GLU B 99 -21.56 29.44 -21.91
C GLU B 99 -21.65 28.66 -20.60
N ARG B 100 -21.15 29.27 -19.52
CA ARG B 100 -21.32 28.77 -18.16
C ARG B 100 -21.91 29.85 -17.25
N SER B 102 -22.77 30.31 -12.95
CA SER B 102 -22.71 29.76 -11.60
C SER B 102 -24.10 29.76 -10.99
N LEU B 103 -24.51 28.61 -10.46
CA LEU B 103 -25.81 28.46 -9.82
C LEU B 103 -25.69 28.53 -8.30
N GLY B 104 -24.59 28.03 -7.77
CA GLY B 104 -24.37 28.02 -6.32
C GLY B 104 -23.26 27.09 -5.89
N LYS B 105 -23.08 26.98 -4.58
CA LYS B 105 -22.00 26.21 -4.01
C LYS B 105 -22.54 25.29 -2.93
N VAL B 106 -21.89 24.14 -2.78
CA VAL B 106 -22.18 23.25 -1.66
C VAL B 106 -20.88 22.73 -1.09
N LEU B 107 -20.94 22.24 0.14
CA LEU B 107 -19.82 21.54 0.75
C LEU B 107 -20.12 20.04 0.63
N LEU B 108 -19.27 19.33 -0.09
CA LEU B 108 -19.49 17.90 -0.34
C LEU B 108 -18.61 17.10 0.61
N ALA B 109 -19.22 16.23 1.40
CA ALA B 109 -18.49 15.42 2.37
C ALA B 109 -17.58 14.45 1.64
N ASP B 110 -16.55 13.98 2.33
CA ASP B 110 -15.55 13.09 1.73
C ASP B 110 -16.22 11.89 1.06
N GLY B 111 -15.82 11.61 -0.17
CA GLY B 111 -16.32 10.44 -0.90
C GLY B 111 -15.20 9.50 -1.34
N GLN B 112 -14.04 9.60 -0.71
CA GLN B 112 -12.91 8.77 -1.10
C GLN B 112 -13.15 7.33 -0.70
N THR B 113 -12.84 6.42 -1.61
CA THR B 113 -13.08 5.00 -1.40
C THR B 113 -11.91 4.36 -0.66
N PRO B 114 -12.20 3.38 0.20
CA PRO B 114 -11.12 2.76 0.98
C PRO B 114 -10.13 2.05 0.08
N LYS B 115 -8.84 2.15 0.39
CA LYS B 115 -7.79 1.63 -0.49
C LYS B 115 -7.28 0.25 -0.11
N ASP B 116 -7.70 -0.27 1.04
CA ASP B 116 -7.30 -1.62 1.46
C ASP B 116 -7.95 -2.67 0.57
N PHE B 117 -7.17 -3.68 0.20
CA PHE B 117 -7.66 -4.75 -0.65
C PHE B 117 -8.60 -5.68 0.09
N ARG B 118 -9.71 -6.01 -0.56
CA ARG B 118 -10.76 -6.84 0.03
C ARG B 118 -11.14 -7.95 -0.94
N LEU B 119 -11.53 -9.10 -0.40
CA LEU B 119 -11.86 -10.25 -1.22
C LEU B 119 -13.37 -10.38 -1.37
N TYR B 120 -13.82 -10.54 -2.62
CA TYR B 120 -15.25 -10.63 -2.93
C TYR B 120 -15.55 -11.93 -3.66
N GLY B 121 -16.67 -12.57 -3.31
CA GLY B 121 -17.11 -13.80 -3.95
C GLY B 121 -18.40 -13.65 -4.73
N ILE B 122 -18.54 -14.40 -5.82
CA ILE B 122 -19.78 -14.40 -6.61
C ILE B 122 -20.71 -15.47 -6.08
N ASN B 123 -21.86 -15.06 -5.54
CA ASN B 123 -22.85 -16.01 -5.06
C ASN B 123 -23.89 -16.28 -6.15
N GLU B 124 -23.77 -17.43 -6.80
CA GLU B 124 -24.67 -17.77 -7.91
C GLU B 124 -26.07 -18.22 -7.45
N THR B 125 -26.20 -18.58 -6.18
CA THR B 125 -27.52 -18.92 -5.64
C THR B 125 -28.40 -17.67 -5.52
N ASP B 126 -27.90 -16.66 -4.80
CA ASP B 126 -28.66 -15.44 -4.56
C ASP B 126 -28.44 -14.38 -5.67
N LYS B 127 -27.53 -14.66 -6.59
CA LYS B 127 -27.11 -13.69 -7.61
C LYS B 127 -26.65 -12.39 -6.97
N THR B 128 -25.56 -12.49 -6.22
CA THR B 128 -25.00 -11.37 -5.46
C THR B 128 -23.48 -11.42 -5.42
N ILE B 129 -22.86 -10.25 -5.36
CA ILE B 129 -21.44 -10.12 -5.03
C ILE B 129 -21.37 -9.98 -3.52
N GLU B 130 -20.57 -10.81 -2.87
CA GLU B 130 -20.44 -10.78 -1.41
C GLU B 130 -19.01 -10.46 -1.00
N ARG B 131 -18.85 -9.61 0.00
CA ARG B 131 -17.53 -9.36 0.56
C ARG B 131 -17.16 -10.51 1.48
N ALA B 132 -16.18 -11.29 1.07
CA ALA B 132 -15.79 -12.50 1.80
C ALA B 132 -14.73 -12.23 2.86
N TYR B 133 -13.85 -11.28 2.60
CA TYR B 133 -12.79 -10.93 3.53
C TYR B 133 -12.42 -9.46 3.46
N ALA B 134 -12.25 -8.85 4.62
CA ALA B 134 -11.62 -7.55 4.75
C ALA B 134 -10.88 -7.58 6.07
N GLU B 135 -9.75 -6.86 6.17
CA GLU B 135 -8.98 -6.89 7.41
C GLU B 135 -9.64 -6.03 8.49
N GLU B 136 -9.15 -6.19 9.72
CA GLU B 136 -9.89 -5.78 10.93
C GLU B 136 -10.37 -4.31 10.92
N THR B 137 -11.40 -4.07 11.70
CA THR B 137 -12.08 -2.77 11.82
C THR B 137 -12.82 -2.39 10.53
N VAL B 138 -13.34 -3.39 9.83
CA VAL B 138 -14.11 -3.14 8.61
C VAL B 138 -15.51 -3.72 8.72
N THR B 139 -16.51 -2.86 8.51
CA THR B 139 -17.92 -3.25 8.35
C THR B 139 -18.71 -2.09 7.71
N GLY B 140 -18.60 -1.96 6.39
CA GLY B 140 -19.36 -0.98 5.62
C GLY B 140 -20.69 -1.54 5.14
N LYS B 141 -20.67 -2.16 3.95
CA LYS B 141 -21.86 -2.80 3.36
C LYS B 141 -21.43 -4.08 2.62
N LYS B 142 -22.06 -5.22 2.97
CA LYS B 142 -21.50 -6.55 2.66
C LYS B 142 -21.88 -7.17 1.31
N THR B 143 -23.03 -6.81 0.76
CA THR B 143 -23.60 -7.50 -0.40
CA THR B 143 -23.57 -7.50 -0.40
C THR B 143 -24.06 -6.53 -1.49
N TRP B 144 -23.88 -6.93 -2.75
CA TRP B 144 -24.36 -6.15 -3.90
C TRP B 144 -25.22 -7.03 -4.81
N ASP B 145 -26.35 -6.49 -5.26
CA ASP B 145 -27.31 -7.23 -6.07
C ASP B 145 -26.79 -7.34 -7.49
N SER B 147 -28.49 -8.97 -10.02
CA SER B 147 -29.61 -9.53 -10.78
C SER B 147 -29.84 -8.84 -12.14
N ALA B 148 -29.30 -7.63 -12.32
CA ALA B 148 -29.36 -6.97 -13.63
C ALA B 148 -28.46 -7.69 -14.64
N HIS B 149 -27.36 -8.28 -14.17
CA HIS B 149 -26.49 -9.10 -15.01
C HIS B 149 -26.12 -10.38 -14.27
N PRO B 150 -27.07 -11.31 -14.15
CA PRO B 150 -26.87 -12.51 -13.34
C PRO B 150 -25.79 -13.43 -13.90
N ASP B 151 -25.46 -13.27 -15.17
CA ASP B 151 -24.43 -14.07 -15.85
C ASP B 151 -23.03 -13.44 -15.76
N PHE B 152 -22.85 -12.45 -14.87
CA PHE B 152 -21.58 -11.73 -14.70
C PHE B 152 -20.43 -12.72 -14.55
N ARG B 153 -19.39 -12.52 -15.34
CA ARG B 153 -18.42 -13.55 -15.63
C ARG B 153 -17.02 -12.95 -15.76
N SER B 154 -16.00 -13.74 -15.48
CA SER B 154 -14.61 -13.33 -15.67
C SER B 154 -14.32 -12.06 -14.88
N VAL B 155 -14.68 -12.09 -13.60
CA VAL B 155 -14.69 -10.90 -12.78
C VAL B 155 -13.29 -10.51 -12.30
N VAL B 156 -12.93 -9.25 -12.52
CA VAL B 156 -11.62 -8.73 -12.19
C VAL B 156 -11.73 -7.32 -11.63
N ASN B 157 -10.63 -6.82 -11.08
CA ASN B 157 -10.57 -5.48 -10.54
C ASN B 157 -9.46 -4.68 -11.17
N LEU B 158 -9.74 -3.42 -11.49
CA LEU B 158 -8.68 -2.47 -11.77
C LEU B 158 -8.41 -1.70 -10.51
N GLN B 159 -7.17 -1.74 -10.03
CA GLN B 159 -6.85 -1.17 -8.72
C GLN B 159 -7.33 0.28 -8.60
N LYS B 160 -7.86 0.60 -7.42
CA LYS B 160 -8.34 1.94 -7.04
C LYS B 160 -9.69 2.35 -7.64
N THR B 161 -10.31 1.51 -8.46
CA THR B 161 -11.61 1.84 -9.03
C THR B 161 -12.79 1.60 -8.07
N TYR B 162 -12.55 0.82 -7.01
CA TYR B 162 -13.60 0.43 -6.06
C TYR B 162 -14.84 -0.10 -6.76
N GLY B 163 -14.62 -1.14 -7.56
CA GLY B 163 -15.68 -1.84 -8.25
C GLY B 163 -15.10 -2.98 -9.06
N LEU B 164 -15.97 -3.72 -9.76
CA LEU B 164 -15.54 -4.91 -10.48
C LEU B 164 -15.88 -4.83 -11.97
N CYS B 165 -14.94 -5.27 -12.79
CA CYS B 165 -15.15 -5.42 -14.21
C CYS B 165 -15.39 -6.89 -14.53
N GLY B 166 -16.20 -7.14 -15.56
CA GLY B 166 -16.47 -8.51 -16.00
C GLY B 166 -17.31 -8.50 -17.27
N LEU B 167 -17.63 -9.69 -17.77
CA LEU B 167 -18.41 -9.83 -18.99
C LEU B 167 -19.84 -10.27 -18.67
N ALA B 168 -20.79 -9.74 -19.45
CA ALA B 168 -22.19 -10.12 -19.34
C ALA B 168 -22.89 -9.97 -20.68
N GLU B 169 -23.98 -10.71 -20.85
CA GLU B 169 -24.77 -10.66 -22.08
C GLU B 169 -25.51 -9.33 -22.19
N GLU B 170 -25.40 -8.71 -23.36
CA GLU B 170 -26.12 -7.47 -23.64
C GLU B 170 -26.29 -7.34 -25.15
N ASN B 171 -27.53 -7.16 -25.60
CA ASN B 171 -27.86 -7.10 -27.01
C ASN B 171 -27.31 -8.31 -27.79
N GLY B 172 -27.42 -9.48 -27.17
CA GLY B 172 -27.10 -10.73 -27.84
C GLY B 172 -25.63 -11.10 -27.90
N VAL B 173 -24.77 -10.29 -27.28
CA VAL B 173 -23.33 -10.59 -27.24
C VAL B 173 -22.71 -10.33 -25.88
N GLN B 174 -21.52 -10.85 -25.68
CA GLN B 174 -20.74 -10.64 -24.46
C GLN B 174 -20.07 -9.27 -24.51
N GLN B 175 -20.26 -8.49 -23.44
CA GLN B 175 -19.73 -7.13 -23.36
C GLN B 175 -19.20 -6.84 -21.96
N PRO B 176 -18.20 -5.94 -21.87
CA PRO B 176 -17.64 -5.58 -20.58
C PRO B 176 -18.48 -4.57 -19.81
N PHE B 177 -18.64 -4.82 -18.51
CA PHE B 177 -19.33 -3.92 -17.59
C PHE B 177 -18.51 -3.65 -16.34
N PHE B 178 -18.73 -2.50 -15.73
CA PHE B 178 -18.14 -2.15 -14.43
C PHE B 178 -19.28 -2.03 -13.42
N LEU B 179 -19.20 -2.82 -12.34
CA LEU B 179 -20.10 -2.67 -11.21
C LEU B 179 -19.45 -1.75 -10.18
N ASP B 180 -20.07 -0.61 -9.91
CA ASP B 180 -19.53 0.38 -8.99
C ASP B 180 -19.98 0.05 -7.57
N PHE B 181 -19.04 -0.19 -6.67
CA PHE B 181 -19.36 -0.52 -5.28
C PHE B 181 -20.07 0.60 -4.54
N CYS B 182 -19.75 1.85 -4.88
CA CYS B 182 -20.36 3.01 -4.22
C CYS B 182 -21.88 3.06 -4.41
N THR B 183 -22.34 2.77 -5.62
CA THR B 183 -23.76 2.93 -5.98
C THR B 183 -24.46 1.62 -6.27
N GLY B 184 -23.71 0.55 -6.53
CA GLY B 184 -24.31 -0.71 -6.98
C GLY B 184 -24.81 -0.66 -8.42
N GLU B 185 -24.44 0.39 -9.16
CA GLU B 185 -24.89 0.58 -10.54
C GLU B 185 -23.90 0.00 -11.53
N TRP B 186 -24.43 -0.38 -12.70
CA TRP B 186 -23.65 -0.99 -13.77
C TRP B 186 -23.32 0.04 -14.85
N LYS B 187 -22.07 0.05 -15.31
CA LYS B 187 -21.65 0.94 -16.39
C LYS B 187 -21.09 0.12 -17.54
N ALA B 188 -21.60 0.34 -18.74
CA ALA B 188 -21.02 -0.28 -19.92
C ALA B 188 -19.64 0.30 -20.19
N LEU B 189 -18.70 -0.56 -20.58
CA LEU B 189 -17.34 -0.13 -20.86
C LEU B 189 -17.01 0.00 -22.34
N SER B 190 -17.79 -0.64 -23.21
CA SER B 190 -17.56 -0.53 -24.65
C SER B 190 -18.60 0.35 -25.29
N PHE B 191 -18.16 1.15 -26.27
CA PHE B 191 -19.09 2.01 -27.00
C PHE B 191 -19.95 1.20 -27.96
N TYR B 192 -19.33 0.34 -28.75
CA TYR B 192 -20.08 -0.48 -29.70
C TYR B 192 -20.46 -1.83 -29.11
N ASP B 193 -21.46 -2.47 -29.72
CA ASP B 193 -21.96 -3.77 -29.28
C ASP B 193 -21.24 -4.90 -30.00
N TYR B 194 -19.94 -5.03 -29.72
CA TYR B 194 -19.12 -6.05 -30.32
C TYR B 194 -18.92 -7.19 -29.32
N ASN B 195 -19.02 -8.42 -29.79
CA ASN B 195 -18.85 -9.58 -28.93
C ASN B 195 -17.44 -9.63 -28.37
N THR B 196 -17.33 -9.96 -27.08
CA THR B 196 -16.07 -9.97 -26.38
C THR B 196 -15.66 -11.40 -26.02
N LEU B 197 -14.55 -11.85 -26.61
CA LEU B 197 -13.99 -13.16 -26.28
C LEU B 197 -13.55 -13.26 -24.84
N ALA B 198 -12.90 -12.21 -24.34
CA ALA B 198 -12.28 -12.25 -23.02
C ALA B 198 -11.80 -10.88 -22.57
N LEU B 199 -11.79 -10.67 -21.24
CA LEU B 199 -11.05 -9.57 -20.66
C LEU B 199 -9.62 -10.03 -20.50
N VAL B 200 -8.69 -9.07 -20.51
CA VAL B 200 -7.29 -9.39 -20.38
C VAL B 200 -6.70 -8.48 -19.30
N ILE B 201 -6.13 -9.10 -18.27
CA ILE B 201 -5.53 -8.38 -17.16
C ILE B 201 -4.02 -8.56 -17.15
N GLY B 202 -3.35 -7.81 -16.28
CA GLY B 202 -1.91 -7.93 -16.12
C GLY B 202 -1.05 -6.94 -16.89
N SER B 203 -1.66 -6.00 -17.61
CA SER B 203 -0.86 -5.01 -18.35
C SER B 203 -0.11 -4.07 -17.39
N GLY B 204 -0.71 -3.79 -16.23
CA GLY B 204 -0.11 -2.90 -15.24
C GLY B 204 -1.15 -1.99 -14.63
N ASN B 205 -1.84 -1.24 -15.48
CA ASN B 205 -2.86 -0.32 -15.00
C ASN B 205 -4.01 -0.14 -15.97
N ASP B 206 -4.34 -1.20 -16.71
CA ASP B 206 -5.42 -1.16 -17.70
C ASP B 206 -6.07 -2.53 -17.82
N ILE B 207 -7.36 -2.55 -18.13
CA ILE B 207 -8.05 -3.78 -18.48
C ILE B 207 -8.27 -3.74 -19.99
N ALA B 208 -7.81 -4.77 -20.68
CA ALA B 208 -8.02 -4.89 -22.11
C ALA B 208 -9.15 -5.87 -22.40
N ALA B 209 -9.58 -5.92 -23.66
CA ALA B 209 -10.56 -6.91 -24.08
C ALA B 209 -10.34 -7.25 -25.54
N ILE B 210 -10.52 -8.53 -25.87
CA ILE B 210 -10.47 -8.98 -27.25
C ILE B 210 -11.90 -8.98 -27.77
N GLN B 211 -12.15 -8.17 -28.79
CA GLN B 211 -13.51 -7.94 -29.27
C GLN B 211 -13.57 -7.99 -30.78
N GLN B 212 -14.75 -8.32 -31.29
CA GLN B 212 -14.97 -8.49 -32.72
C GLN B 212 -15.20 -7.13 -33.39
N ARG B 213 -14.11 -6.51 -33.85
CA ARG B 213 -14.15 -5.19 -34.50
C ARG B 213 -14.86 -5.24 -35.85
N GLY B 214 -14.84 -6.39 -36.51
CA GLY B 214 -15.54 -6.58 -37.77
C GLY B 214 -15.61 -8.04 -38.15
N LYS B 215 -14.93 -8.40 -39.24
CA LYS B 215 -14.81 -9.79 -39.64
C LYS B 215 -14.04 -10.59 -38.59
N GLY B 216 -13.05 -9.95 -37.97
CA GLY B 216 -12.20 -10.61 -36.97
C GLY B 216 -12.08 -9.86 -35.67
N TYR B 217 -11.14 -10.30 -34.84
CA TYR B 217 -10.99 -9.81 -33.48
C TYR B 217 -9.79 -8.87 -33.34
N SER B 218 -9.98 -7.83 -32.53
CA SER B 218 -8.93 -6.86 -32.22
C SER B 218 -8.80 -6.70 -30.71
N LEU B 219 -7.69 -6.11 -30.30
CA LEU B 219 -7.43 -5.85 -28.88
C LEU B 219 -7.84 -4.43 -28.54
N TYR B 220 -8.63 -4.28 -27.47
CA TYR B 220 -9.17 -2.97 -27.05
C TYR B 220 -8.78 -2.65 -25.62
N ASN B 221 -8.68 -1.36 -25.32
CA ASN B 221 -8.61 -0.89 -23.96
C ASN B 221 -10.01 -0.50 -23.52
N VAL B 222 -10.55 -1.18 -22.52
CA VAL B 222 -11.92 -0.95 -22.09
C VAL B 222 -12.02 -0.35 -20.69
N SER B 223 -10.89 -0.01 -20.09
CA SER B 223 -10.91 0.61 -18.77
C SER B 223 -10.57 2.12 -18.81
N ALA B 224 -10.15 2.61 -19.98
CA ALA B 224 -9.78 4.03 -20.13
C ALA B 224 -10.86 4.99 -19.64
N GLY B 225 -12.13 4.63 -19.80
CA GLY B 225 -13.25 5.45 -19.32
C GLY B 225 -13.34 5.53 -17.80
N LEU B 226 -12.80 4.55 -17.11
CA LEU B 226 -12.76 4.58 -15.65
C LEU B 226 -11.60 5.40 -15.11
N GLU B 227 -10.48 5.42 -15.83
CA GLU B 227 -9.26 6.06 -15.34
C GLU B 227 -9.20 7.53 -15.78
N GLN B 228 -10.29 8.24 -15.59
CA GLN B 228 -10.49 9.50 -16.31
C GLN B 228 -11.56 10.33 -15.58
N SER B 229 -11.27 11.62 -15.37
CA SER B 229 -12.00 12.44 -14.37
C SER B 229 -13.50 12.69 -14.63
N ASN B 230 -13.95 12.49 -15.86
CA ASN B 230 -15.38 12.52 -16.21
C ASN B 230 -16.02 11.13 -16.31
N TYR B 231 -15.46 10.15 -15.57
CA TYR B 231 -16.04 8.82 -15.50
CA TYR B 231 -16.05 8.80 -15.44
C TYR B 231 -17.56 8.83 -15.23
N ALA B 232 -18.02 9.71 -14.35
CA ALA B 232 -19.43 9.74 -13.95
C ALA B 232 -20.40 9.85 -15.14
N THR B 233 -20.02 10.63 -16.15
CA THR B 233 -20.86 10.90 -17.31
C THR B 233 -20.39 10.23 -18.60
N LYS B 234 -19.28 9.48 -18.54
CA LYS B 234 -18.67 8.90 -19.74
C LYS B 234 -17.77 7.72 -19.36
N THR B 235 -18.21 6.52 -19.70
CA THR B 235 -17.49 5.28 -19.37
C THR B 235 -17.20 4.38 -20.57
N ARG B 236 -18.03 4.44 -21.60
CA ARG B 236 -17.85 3.60 -22.78
C ARG B 236 -16.66 4.08 -23.59
N SER B 237 -15.75 3.17 -23.92
CA SER B 237 -14.57 3.49 -24.71
C SER B 237 -14.65 2.79 -26.06
N ASN B 238 -13.90 3.33 -27.03
CA ASN B 238 -13.69 2.66 -28.30
C ASN B 238 -12.24 2.80 -28.75
N PHE B 239 -11.35 2.02 -28.13
CA PHE B 239 -9.92 2.17 -28.32
C PHE B 239 -9.26 0.87 -28.79
N PRO B 240 -9.49 0.48 -30.05
CA PRO B 240 -8.76 -0.67 -30.58
C PRO B 240 -7.33 -0.33 -30.91
N PRO B 242 -4.07 -0.25 -33.40
CA PRO B 242 -3.89 -0.13 -34.84
C PRO B 242 -3.19 -1.36 -35.41
N GLU B 243 -3.85 -2.50 -35.28
CA GLU B 243 -3.32 -3.77 -35.78
C GLU B 243 -4.40 -4.46 -36.58
N PRO B 244 -4.02 -5.41 -37.44
CA PRO B 244 -5.05 -6.10 -38.21
C PRO B 244 -6.00 -6.92 -37.33
N GLN B 245 -7.13 -7.31 -37.91
CA GLN B 245 -8.08 -8.20 -37.24
C GLN B 245 -7.72 -9.63 -37.55
N PHE B 246 -7.96 -10.52 -36.60
CA PHE B 246 -7.67 -11.93 -36.79
C PHE B 246 -8.86 -12.82 -36.47
N GLU B 247 -9.06 -13.82 -37.31
CA GLU B 247 -10.08 -14.85 -37.08
C GLU B 247 -9.55 -15.85 -36.08
N LEU B 248 -10.48 -16.56 -35.44
CA LEU B 248 -10.14 -17.69 -34.59
C LEU B 248 -9.67 -18.83 -35.46
N PRO B 249 -8.84 -19.73 -34.91
CA PRO B 249 -8.42 -20.89 -35.69
C PRO B 249 -9.59 -21.80 -36.00
N GLU B 250 -9.47 -22.61 -37.05
CA GLU B 250 -10.54 -23.53 -37.45
C GLU B 250 -11.05 -24.35 -36.28
N GLY B 251 -12.36 -24.47 -36.17
CA GLY B 251 -13.00 -25.28 -35.15
C GLY B 251 -13.52 -24.46 -33.98
N PHE B 252 -12.78 -23.42 -33.62
CA PHE B 252 -13.10 -22.64 -32.43
C PHE B 252 -14.20 -21.60 -32.66
N THR B 253 -15.00 -21.39 -31.61
CA THR B 253 -16.13 -20.47 -31.64
C THR B 253 -16.12 -19.60 -30.38
N PRO B 254 -16.71 -18.39 -30.46
CA PRO B 254 -16.64 -17.43 -29.37
C PRO B 254 -17.13 -17.91 -27.99
N GLU B 255 -18.15 -18.77 -27.99
CA GLU B 255 -18.72 -19.29 -26.73
C GLU B 255 -17.74 -20.12 -25.92
N GLN B 256 -16.64 -20.54 -26.55
CA GLN B 256 -15.60 -21.32 -25.88
C GLN B 256 -14.63 -20.50 -25.02
N PHE B 257 -14.73 -19.17 -25.09
CA PHE B 257 -13.80 -18.27 -24.41
C PHE B 257 -14.50 -17.41 -23.37
N GLY B 258 -13.70 -16.81 -22.49
CA GLY B 258 -14.20 -15.78 -21.57
C GLY B 258 -14.60 -16.23 -20.18
N ASP B 259 -14.47 -17.52 -19.89
CA ASP B 259 -14.79 -18.01 -18.56
C ASP B 259 -13.76 -17.54 -17.54
N TYR B 260 -12.53 -17.36 -18.01
CA TYR B 260 -11.46 -16.82 -17.19
C TYR B 260 -10.75 -15.68 -17.91
N PRO B 261 -10.24 -14.70 -17.14
CA PRO B 261 -9.50 -13.60 -17.78
C PRO B 261 -8.20 -14.05 -18.43
N GLY B 262 -7.89 -13.48 -19.58
CA GLY B 262 -6.60 -13.65 -20.21
C GLY B 262 -5.56 -12.88 -19.44
N VAL B 263 -4.30 -13.17 -19.72
CA VAL B 263 -3.19 -12.55 -19.02
C VAL B 263 -2.11 -12.11 -19.99
N PHE B 264 -1.67 -10.86 -19.86
CA PHE B 264 -0.54 -10.35 -20.62
C PHE B 264 0.75 -10.93 -20.08
N GLN B 266 4.88 -10.58 -19.77
CA GLN B 266 5.71 -9.40 -19.58
C GLN B 266 6.05 -8.82 -20.95
N GLY B 267 5.96 -7.49 -21.06
CA GLY B 267 6.13 -6.81 -22.34
C GLY B 267 4.80 -6.51 -23.02
N ASN B 268 3.75 -7.21 -22.58
CA ASN B 268 2.38 -6.98 -23.06
C ASN B 268 2.18 -7.22 -24.57
N GLU B 269 2.92 -8.15 -25.15
CA GLU B 269 2.79 -8.50 -26.57
C GLU B 269 2.03 -9.81 -26.79
N ILE B 270 2.24 -10.77 -25.89
CA ILE B 270 1.57 -12.06 -25.95
C ILE B 270 0.54 -12.18 -24.82
N ILE B 271 -0.63 -12.73 -25.15
CA ILE B 271 -1.72 -12.91 -24.20
C ILE B 271 -2.07 -14.38 -24.06
N LEU B 272 -2.21 -14.83 -22.82
CA LEU B 272 -2.57 -16.23 -22.55
C LEU B 272 -4.08 -16.36 -22.35
N LEU B 273 -4.68 -17.28 -23.09
CA LEU B 273 -6.10 -17.57 -22.94
C LEU B 273 -6.30 -19.07 -22.75
N SER B 274 -7.48 -19.45 -22.30
CA SER B 274 -7.89 -20.85 -22.31
C SER B 274 -9.25 -20.95 -22.98
N ALA B 275 -9.48 -22.06 -23.67
CA ALA B 275 -10.73 -22.30 -24.38
C ALA B 275 -11.32 -23.66 -24.00
N ARG B 276 -12.63 -23.69 -23.79
CA ARG B 276 -13.35 -24.89 -23.42
C ARG B 276 -13.91 -25.57 -24.67
N LYS B 277 -13.54 -26.83 -24.89
CA LYS B 277 -14.07 -27.61 -26.01
C LYS B 277 -15.46 -28.16 -25.69
N GLY B 278 -16.16 -28.60 -26.73
CA GLY B 278 -17.51 -29.16 -26.60
C GLY B 278 -17.60 -30.33 -25.64
N ASN B 279 -16.57 -31.18 -25.65
CA ASN B 279 -16.51 -32.36 -24.77
C ASN B 279 -16.07 -32.09 -23.32
N GLY B 280 -15.95 -30.81 -22.93
CA GLY B 280 -15.60 -30.46 -21.54
C GLY B 280 -14.11 -30.39 -21.26
N LYS B 281 -13.29 -30.67 -22.26
CA LYS B 281 -11.84 -30.51 -22.16
C LYS B 281 -11.44 -29.07 -22.47
N TRP B 282 -10.22 -28.70 -22.06
CA TRP B 282 -9.72 -27.32 -22.21
C TRP B 282 -8.36 -27.31 -22.90
N VAL B 283 -8.09 -26.26 -23.67
CA VAL B 283 -6.78 -26.07 -24.31
C VAL B 283 -6.23 -24.67 -24.03
N PRO B 284 -4.90 -24.55 -23.96
CA PRO B 284 -4.29 -23.22 -23.89
C PRO B 284 -4.22 -22.58 -25.26
N LEU B 286 -2.84 -18.99 -27.24
CA LEU B 286 -2.08 -17.75 -27.19
C LEU B 286 -2.60 -16.76 -28.23
N TYR B 287 -2.48 -15.47 -27.91
CA TYR B 287 -2.90 -14.41 -28.83
C TYR B 287 -1.83 -13.34 -28.92
N ASN B 288 -1.42 -13.04 -30.14
CA ASN B 288 -0.46 -11.99 -30.45
C ASN B 288 -1.19 -10.95 -31.29
N TYR B 289 -1.27 -9.71 -30.80
CA TYR B 289 -2.05 -8.68 -31.50
C TYR B 289 -1.49 -8.30 -32.85
N ARG B 290 -0.24 -8.68 -33.13
CA ARG B 290 0.38 -8.50 -34.44
C ARG B 290 0.21 -9.69 -35.37
N ASN B 291 0.07 -10.90 -34.82
CA ASN B 291 0.06 -12.15 -35.63
C ASN B 291 -1.20 -13.00 -35.55
N GLY B 292 -1.98 -12.85 -34.48
CA GLY B 292 -3.24 -13.57 -34.34
C GLY B 292 -3.21 -14.67 -33.29
N PHE B 293 -4.09 -15.66 -33.47
CA PHE B 293 -4.29 -16.72 -32.50
C PHE B 293 -3.50 -17.96 -32.89
N TYR B 294 -3.00 -18.68 -31.89
CA TYR B 294 -2.46 -20.01 -32.11
C TYR B 294 -2.57 -20.87 -30.85
N VAL B 295 -2.90 -22.14 -31.05
CA VAL B 295 -3.08 -23.08 -29.96
C VAL B 295 -1.71 -23.53 -29.49
N LEU B 296 -1.51 -23.54 -28.18
CA LEU B 296 -0.29 -24.10 -27.61
C LEU B 296 -0.47 -25.61 -27.59
N GLU B 297 0.10 -26.28 -28.58
CA GLU B 297 -0.20 -27.68 -28.86
C GLU B 297 0.24 -28.65 -27.77
N GLY B 298 -0.38 -29.83 -27.74
CA GLY B 298 0.04 -30.93 -26.88
C GLY B 298 -0.63 -31.02 -25.52
N ILE B 299 -1.45 -30.02 -25.18
CA ILE B 299 -2.13 -30.00 -23.90
C ILE B 299 -3.65 -29.97 -24.09
N GLU B 300 -4.32 -30.96 -23.51
CA GLU B 300 -5.77 -31.01 -23.44
C GLU B 300 -6.15 -31.50 -22.05
N ALA B 301 -6.65 -30.58 -21.22
CA ALA B 301 -6.83 -30.84 -19.79
C ALA B 301 -8.28 -30.64 -19.35
N ASP B 302 -8.55 -30.91 -18.08
CA ASP B 302 -9.90 -30.81 -17.52
C ASP B 302 -10.24 -29.40 -17.00
N ALA B 303 -9.20 -28.58 -16.79
CA ALA B 303 -9.39 -27.15 -16.53
C ALA B 303 -8.07 -26.41 -16.75
N ILE B 304 -8.16 -25.21 -17.31
CA ILE B 304 -6.98 -24.37 -17.54
C ILE B 304 -7.33 -22.93 -17.22
N ILE B 305 -6.56 -22.32 -16.31
CA ILE B 305 -6.73 -20.93 -15.96
C ILE B 305 -5.39 -20.21 -16.07
N PRO B 306 -5.32 -19.15 -16.89
CA PRO B 306 -4.08 -18.37 -16.92
C PRO B 306 -3.88 -17.54 -15.65
N PHE B 307 -2.63 -17.29 -15.28
CA PHE B 307 -2.33 -16.44 -14.14
C PHE B 307 -1.08 -15.61 -14.36
N TYR B 308 -0.87 -14.64 -13.49
CA TYR B 308 0.40 -13.93 -13.42
C TYR B 308 0.79 -13.63 -11.99
N PHE B 309 2.10 -13.53 -11.74
CA PHE B 309 2.63 -12.98 -10.51
C PHE B 309 3.15 -11.58 -10.83
N GLY B 310 2.71 -10.58 -10.09
CA GLY B 310 3.31 -9.25 -10.16
C GLY B 310 4.53 -9.21 -9.24
N ALA B 312 6.68 -6.73 -8.84
CA ALA B 312 6.86 -5.42 -8.21
C ALA B 312 5.52 -4.72 -8.18
N LEU B 313 5.42 -3.64 -7.40
CA LEU B 313 4.20 -2.84 -7.35
C LEU B 313 4.07 -2.06 -8.66
N PRO B 314 2.85 -2.04 -9.26
CA PRO B 314 2.66 -1.24 -10.46
C PRO B 314 2.57 0.26 -10.15
N ASP B 315 2.82 1.10 -11.16
CA ASP B 315 2.73 2.55 -11.00
C ASP B 315 1.60 3.11 -11.88
N SER B 316 0.62 3.75 -11.23
CA SER B 316 -0.52 4.35 -11.94
C SER B 316 -0.30 5.83 -12.20
N LEU B 321 5.35 2.49 -18.23
CA LEU B 321 6.38 1.80 -17.46
C LEU B 321 6.25 0.28 -17.65
N LEU B 322 7.37 -0.43 -17.49
CA LEU B 322 7.44 -1.87 -17.74
C LEU B 322 7.12 -2.69 -16.49
N TYR B 323 5.95 -3.31 -16.48
CA TYR B 323 5.46 -4.09 -15.36
C TYR B 323 6.08 -5.48 -15.39
N GLN B 324 6.84 -5.81 -14.35
CA GLN B 324 7.61 -7.07 -14.31
C GLN B 324 6.80 -8.20 -13.70
N LYS B 325 6.83 -9.35 -14.36
CA LYS B 325 5.96 -10.47 -13.96
C LYS B 325 6.35 -11.81 -14.56
N LYS B 326 5.89 -12.86 -13.88
CA LYS B 326 5.99 -14.22 -14.37
C LYS B 326 4.57 -14.70 -14.62
N VAL B 327 4.31 -15.22 -15.82
CA VAL B 327 2.96 -15.68 -16.17
C VAL B 327 2.95 -17.14 -16.57
N GLY B 328 1.78 -17.74 -16.46
CA GLY B 328 1.63 -19.14 -16.84
C GLY B 328 0.19 -19.61 -16.80
N TYR B 329 0.06 -20.94 -16.83
CA TYR B 329 -1.22 -21.62 -16.84
C TYR B 329 -1.33 -22.56 -15.66
N ILE B 331 -2.93 -25.84 -14.76
CA ILE B 331 -3.45 -26.97 -15.54
C ILE B 331 -3.94 -28.07 -14.61
N TYR B 332 -5.20 -28.45 -14.77
CA TYR B 332 -5.84 -29.43 -13.88
C TYR B 332 -6.27 -30.68 -14.63
N TYR B 333 -5.92 -31.84 -14.08
CA TYR B 333 -6.38 -33.13 -14.59
C TYR B 333 -7.10 -33.84 -13.45
N SER B 334 -8.26 -34.44 -13.77
CA SER B 334 -9.05 -35.13 -12.75
C SER B 334 -8.44 -36.49 -12.34
N SER B 335 -7.59 -37.07 -13.19
CA SER B 335 -6.97 -38.38 -12.92
C SER B 335 -5.57 -38.53 -13.53
N GLY B 336 -4.94 -39.67 -13.26
CA GLY B 336 -3.65 -40.01 -13.87
C GLY B 336 -2.43 -39.51 -13.12
N ASP B 337 -1.28 -39.56 -13.78
CA ASP B 337 0.01 -39.20 -13.16
C ASP B 337 0.10 -37.75 -12.72
N ASN B 338 -0.65 -36.87 -13.37
CA ASN B 338 -0.71 -35.48 -12.94
C ASN B 338 -2.06 -35.11 -12.35
N ARG B 339 -2.69 -36.02 -11.62
CA ARG B 339 -3.96 -35.72 -10.96
C ARG B 339 -3.80 -34.44 -10.18
N GLY B 340 -4.80 -33.56 -10.29
CA GLY B 340 -4.82 -32.33 -9.51
C GLY B 340 -4.41 -31.11 -10.31
N SER B 341 -4.07 -30.04 -9.59
CA SER B 341 -3.79 -28.74 -10.17
C SER B 341 -2.29 -28.44 -10.22
N SER B 342 -1.77 -28.22 -11.43
CA SER B 342 -0.36 -27.86 -11.62
C SER B 342 -0.23 -26.42 -12.09
N PHE B 343 0.72 -25.71 -11.51
CA PHE B 343 1.01 -24.33 -11.90
C PHE B 343 2.34 -24.29 -12.64
N ARG B 344 2.28 -23.92 -13.91
CA ARG B 344 3.43 -23.98 -14.80
C ARG B 344 3.60 -22.65 -15.54
N LEU B 345 4.80 -22.07 -15.44
CA LEU B 345 5.08 -20.83 -16.12
C LEU B 345 5.22 -21.06 -17.61
N LEU B 346 4.83 -20.06 -18.39
CA LEU B 346 5.11 -20.04 -19.81
C LEU B 346 6.29 -19.11 -20.02
N GLU B 347 7.41 -19.67 -20.47
CA GLU B 347 8.64 -18.92 -20.67
C GLU B 347 9.30 -19.36 -21.97
N PRO B 348 10.16 -18.51 -22.54
CA PRO B 348 10.92 -18.90 -23.72
C PRO B 348 12.04 -19.88 -23.36
N ASP B 349 12.27 -20.87 -24.22
CA ASP B 349 13.32 -21.87 -23.97
C ASP B 349 14.69 -21.24 -23.81
N LYS B 350 15.50 -21.81 -22.92
CA LYS B 350 16.91 -21.40 -22.79
C LYS B 350 17.69 -21.70 -24.08
N GLU B 351 17.12 -22.54 -24.94
CA GLU B 351 17.68 -22.84 -26.26
C GLU B 351 17.41 -21.73 -27.28
N SER B 352 16.13 -21.42 -27.52
CA SER B 352 15.76 -20.45 -28.57
C SER B 352 14.42 -19.75 -28.30
N SER B 353 13.74 -19.33 -29.38
CA SER B 353 12.60 -18.42 -29.30
C SER B 353 11.31 -19.02 -28.73
N LYS B 354 10.93 -20.20 -29.22
CA LYS B 354 9.61 -20.80 -28.93
C LYS B 354 9.22 -20.73 -27.44
N LEU B 355 7.94 -20.45 -27.18
CA LEU B 355 7.41 -20.42 -25.83
C LEU B 355 7.01 -21.82 -25.40
N GLN B 356 7.59 -22.31 -24.31
CA GLN B 356 7.33 -23.65 -23.80
C GLN B 356 6.78 -23.56 -22.39
N LEU B 357 5.84 -24.44 -22.06
CA LEU B 357 5.41 -24.62 -20.67
C LEU B 357 6.52 -25.23 -19.85
N GLN B 358 6.82 -24.61 -18.71
CA GLN B 358 7.85 -25.10 -17.81
C GLN B 358 7.28 -26.21 -16.93
N GLU B 359 8.16 -26.98 -16.30
CA GLU B 359 7.72 -27.94 -15.30
C GLU B 359 7.05 -27.16 -14.16
N PRO B 360 6.13 -27.79 -13.44
CA PRO B 360 5.41 -27.05 -12.40
C PRO B 360 6.31 -26.50 -11.31
N PHE B 361 5.97 -25.32 -10.79
CA PHE B 361 6.61 -24.81 -9.57
C PHE B 361 5.74 -25.10 -8.35
N ALA B 362 4.51 -25.50 -8.59
CA ALA B 362 3.61 -25.93 -7.53
C ALA B 362 2.60 -26.93 -8.10
N GLN B 363 2.29 -27.94 -7.31
CA GLN B 363 1.41 -29.03 -7.73
C GLN B 363 0.58 -29.42 -6.52
N LEU B 364 -0.73 -29.53 -6.71
CA LEU B 364 -1.63 -29.94 -5.64
C LEU B 364 -2.50 -31.10 -6.08
N SER B 365 -2.11 -32.31 -5.67
CA SER B 365 -2.85 -33.52 -6.01
C SER B 365 -4.16 -33.57 -5.24
N ASP B 366 -5.21 -34.06 -5.89
CA ASP B 366 -6.52 -34.20 -5.25
C ASP B 366 -7.12 -32.86 -4.80
N LYS B 367 -6.82 -31.79 -5.53
CA LYS B 367 -7.43 -30.48 -5.31
C LYS B 367 -7.63 -29.78 -6.64
N LYS B 368 -8.82 -29.21 -6.84
CA LYS B 368 -9.16 -28.54 -8.09
C LYS B 368 -9.25 -27.02 -7.89
N VAL B 369 -8.41 -26.29 -8.61
CA VAL B 369 -8.44 -24.82 -8.57
C VAL B 369 -9.61 -24.33 -9.40
N VAL B 370 -10.45 -23.48 -8.81
CA VAL B 370 -11.62 -22.92 -9.52
C VAL B 370 -11.57 -21.40 -9.70
N SER B 371 -10.66 -20.74 -8.99
CA SER B 371 -10.45 -19.31 -9.16
C SER B 371 -9.03 -18.93 -8.77
N ILE B 372 -8.47 -17.97 -9.49
CA ILE B 372 -7.17 -17.38 -9.16
C ILE B 372 -7.28 -15.86 -9.24
N THR B 373 -6.66 -15.16 -8.30
CA THR B 373 -6.71 -13.70 -8.30
C THR B 373 -5.54 -13.14 -7.49
N ASN B 374 -5.28 -11.83 -7.63
CA ASN B 374 -4.05 -11.23 -7.10
C ASN B 374 -4.34 -10.06 -6.18
N ARG B 375 -3.67 -10.05 -5.02
CA ARG B 375 -3.73 -8.93 -4.10
C ARG B 375 -2.52 -8.05 -4.39
N LEU B 376 -2.76 -6.88 -4.98
CA LEU B 376 -1.67 -6.07 -5.52
C LEU B 376 -0.91 -5.20 -4.52
N ASP B 377 -1.31 -5.18 -3.24
CA ASP B 377 -0.45 -4.59 -2.18
C ASP B 377 0.56 -5.61 -1.66
N ARG B 378 0.47 -6.84 -2.15
CA ARG B 378 1.52 -7.84 -1.98
C ARG B 378 2.30 -7.91 -3.28
N ILE B 379 3.49 -8.50 -3.22
CA ILE B 379 4.27 -8.76 -4.42
C ILE B 379 4.58 -10.25 -4.48
N GLY B 380 4.56 -10.81 -5.68
CA GLY B 380 4.94 -12.19 -5.90
C GLY B 380 4.03 -13.22 -5.26
N THR B 381 2.73 -12.95 -5.23
CA THR B 381 1.76 -13.91 -4.72
C THR B 381 0.56 -14.02 -5.61
N ILE B 382 -0.08 -15.18 -5.55
CA ILE B 382 -1.41 -15.38 -6.11
C ILE B 382 -2.32 -15.92 -5.01
N THR B 383 -3.61 -15.68 -5.16
CA THR B 383 -4.59 -16.19 -4.24
C THR B 383 -5.47 -17.17 -5.00
N VAL B 384 -5.66 -18.35 -4.41
CA VAL B 384 -6.27 -19.46 -5.12
C VAL B 384 -7.42 -20.04 -4.33
N LEU B 385 -8.47 -20.46 -5.03
CA LEU B 385 -9.63 -21.09 -4.43
C LEU B 385 -9.73 -22.55 -4.90
N PHE B 386 -9.65 -23.49 -3.96
CA PHE B 386 -9.72 -24.92 -4.25
C PHE B 386 -11.03 -25.52 -3.81
N SER B 387 -11.36 -26.68 -4.37
CA SER B 387 -12.41 -27.54 -3.83
C SER B 387 -11.83 -28.94 -3.62
N ASP B 388 -12.41 -29.67 -2.67
CA ASP B 388 -12.05 -31.05 -2.38
C ASP B 388 -13.07 -31.98 -3.01
N ARG B 393 -14.30 -26.10 0.50
CA ARG B 393 -13.50 -25.13 -0.25
C ARG B 393 -12.40 -24.48 0.59
N THR B 394 -11.28 -24.19 -0.07
CA THR B 394 -10.10 -23.64 0.62
C THR B 394 -9.57 -22.43 -0.15
N THR B 395 -9.12 -21.41 0.59
CA THR B 395 -8.51 -20.23 0.01
C THR B 395 -7.07 -20.17 0.48
N SER B 396 -6.13 -20.01 -0.45
CA SER B 396 -4.71 -20.06 -0.08
C SER B 396 -3.83 -19.19 -0.99
N ASP B 397 -2.81 -18.58 -0.37
CA ASP B 397 -1.83 -17.77 -1.10
C ASP B 397 -0.58 -18.60 -1.38
N PHE B 398 -0.04 -18.47 -2.58
CA PHE B 398 1.29 -18.99 -2.89
C PHE B 398 2.28 -17.84 -3.04
N ASP B 399 3.38 -17.90 -2.30
CA ASP B 399 4.42 -16.88 -2.36
C ASP B 399 5.57 -17.38 -3.21
N TRP B 400 5.81 -16.71 -4.34
CA TRP B 400 6.85 -17.12 -5.27
C TRP B 400 8.23 -17.26 -4.63
N ASN B 401 8.57 -16.34 -3.72
CA ASN B 401 9.93 -16.27 -3.17
C ASN B 401 10.21 -17.37 -2.14
N SER B 402 9.20 -17.77 -1.39
CA SER B 402 9.33 -18.86 -0.42
C SER B 402 8.82 -20.20 -0.94
N LYS B 403 8.14 -20.18 -2.08
CA LYS B 403 7.55 -21.39 -2.68
C LYS B 403 6.61 -22.14 -1.74
N GLU B 404 5.95 -21.41 -0.84
CA GLU B 404 5.08 -22.01 0.16
C GLU B 404 3.65 -21.49 0.05
N TRP B 405 2.69 -22.38 0.32
CA TRP B 405 1.29 -21.99 0.42
C TRP B 405 1.01 -21.52 1.84
N THR B 406 -0.01 -20.70 1.98
CA THR B 406 -0.48 -20.26 3.30
C THR B 406 -1.99 -20.06 3.24
N ASP B 407 -2.71 -20.89 4.00
CA ASP B 407 -4.17 -20.90 3.96
C ASP B 407 -4.75 -19.75 4.78
N TYR B 408 -5.86 -19.19 4.28
CA TYR B 408 -6.68 -18.28 5.05
C TYR B 408 -7.59 -19.10 5.96
N THR B 409 -7.39 -19.02 7.26
CA THR B 409 -8.16 -19.82 8.22
C THR B 409 -9.61 -19.33 8.44
N ASP B 410 -9.89 -18.07 8.13
CA ASP B 410 -11.27 -17.55 8.22
C ASP B 410 -12.16 -18.00 7.07
N LEU B 411 -11.55 -18.54 6.00
CA LEU B 411 -12.24 -18.72 4.73
C LEU B 411 -12.27 -20.20 4.28
N SER B 412 -13.04 -21.00 5.01
CA SER B 412 -13.27 -22.40 4.65
C SER B 412 -14.68 -22.64 4.10
N ASP B 413 -15.66 -21.85 4.54
CA ASP B 413 -17.05 -21.99 4.06
C ASP B 413 -17.13 -21.68 2.55
N PRO B 415 -19.00 -20.30 -0.23
CA PRO B 415 -19.91 -20.86 -1.23
C PRO B 415 -19.81 -20.14 -2.59
N TYR B 416 -18.61 -20.14 -3.16
CA TYR B 416 -18.32 -19.40 -4.39
C TYR B 416 -17.48 -20.24 -5.34
N ASN B 417 -17.64 -20.00 -6.64
CA ASN B 417 -16.73 -20.55 -7.67
C ASN B 417 -15.72 -19.51 -8.14
N SER B 418 -16.03 -18.24 -7.95
CA SER B 418 -15.14 -17.15 -8.33
C SER B 418 -14.98 -16.20 -7.15
N VAL B 419 -13.74 -15.86 -6.84
CA VAL B 419 -13.45 -14.79 -5.91
C VAL B 419 -12.46 -13.83 -6.55
N VAL B 420 -12.47 -12.58 -6.09
CA VAL B 420 -11.62 -11.54 -6.67
C VAL B 420 -11.15 -10.57 -5.60
N TRP B 421 -9.86 -10.24 -5.63
CA TRP B 421 -9.32 -9.17 -4.81
C TRP B 421 -9.63 -7.83 -5.47
N ALA B 422 -10.00 -6.85 -4.67
CA ALA B 422 -10.33 -5.54 -5.22
C ALA B 422 -10.16 -4.39 -4.24
N ASN B 423 -9.79 -3.23 -4.78
CA ASN B 423 -9.92 -1.96 -4.09
C ASN B 423 -10.30 -0.88 -5.09
#